data_4XHC
#
_entry.id   4XHC
#
_cell.length_a   148.430
_cell.length_b   148.430
_cell.length_c   202.160
_cell.angle_alpha   90.000
_cell.angle_beta   90.000
_cell.angle_gamma   90.000
#
_symmetry.space_group_name_H-M   'P 41 21 2'
#
loop_
_entity.id
_entity.type
_entity.pdbx_description
1 polymer Alpha-L-rhamnosidase
2 non-polymer alpha-L-rhamnopyranose
3 non-polymer 'SULFATE ION'
4 water water
#
_entity_poly.entity_id   1
_entity_poly.type   'polypeptide(L)'
_entity_poly.pdbx_seq_one_letter_code
;MGSSHHHHHHSSGLVPRGSHMSQAIQHNSQVMMTRHPNFLRTAEALRPALSRQAHPPIAVVEAHADAAALFGWRAEPVST
LAAFYQRELSSGDSVIIDFGSHYVGYLHFLCQSAGSPPDAPAHLQLTFGETLSEVCEPFSDYQGWLSSSWLQQQDLWLDV
LPAEIDLPRRYCFRYLKVEVKAVSRKFRLQFTQIEVNAVTSASGACPAATTSDPQLRAIDNVAVLTLQNCMQEVFEDGPK
RDRRLWLGDLRLQALVNDVTFARHDLVRRCLYLFAGHTREDGMVSANVFVQPDVIADDTFLFDYSLFFVDVLYNYLQSAE
DMATARELWPTARRQVELALTRCDASGVVRDSDDWWVFIDWQASLNKQAAAQGVLIYCLQRAIWLAERFEPELAVSYRQR
LQQLKSAALDALWDPQQGFYVSGARRQVSWASQIWLVLAEVGTPQQRREIMRNLEKNPPAVAMNTPYLRHHYIAALLQCG
LRDEAIAQIKAYWGAMVDYGADTFWEIFDPAHPDFSPYGSKLINSYCHAWSCTPAWFIRQYGL
;
_entity_poly.pdbx_strand_id   A,B
#
loop_
_chem_comp.id
_chem_comp.type
_chem_comp.name
_chem_comp.formula
RAM L-saccharide, alpha linking alpha-L-rhamnopyranose 'C6 H12 O5'
SO4 non-polymer 'SULFATE ION' 'O4 S -2'
#
# COMPACT_ATOMS: atom_id res chain seq x y z
N VAL A 31 26.93 -9.00 21.40
CA VAL A 31 26.09 -8.98 22.65
C VAL A 31 25.46 -10.36 22.92
N MET A 32 26.09 -11.14 23.80
CA MET A 32 25.67 -12.52 24.06
C MET A 32 24.42 -12.59 24.93
N MET A 33 23.47 -13.43 24.56
CA MET A 33 22.23 -13.61 25.33
C MET A 33 22.10 -15.05 25.82
N THR A 34 21.13 -15.29 26.70
CA THR A 34 20.86 -16.60 27.30
C THR A 34 19.35 -16.83 27.37
N ARG A 35 18.91 -17.95 26.82
CA ARG A 35 17.50 -18.30 26.81
C ARG A 35 17.24 -19.26 27.99
N HIS A 36 16.07 -19.15 28.64
CA HIS A 36 15.65 -20.10 29.69
C HIS A 36 14.33 -20.78 29.30
N PRO A 37 14.40 -21.94 28.62
CA PRO A 37 13.19 -22.54 28.03
C PRO A 37 12.04 -22.74 29.02
N ASN A 38 12.36 -23.11 30.26
CA ASN A 38 11.36 -23.33 31.30
C ASN A 38 10.52 -22.06 31.58
N PHE A 39 11.18 -20.93 31.78
CA PHE A 39 10.48 -19.67 32.03
C PHE A 39 9.64 -19.25 30.82
N LEU A 40 10.13 -19.48 29.61
CA LEU A 40 9.41 -19.07 28.42
C LEU A 40 8.15 -19.90 28.16
N ARG A 41 8.17 -21.19 28.52
CA ARG A 41 6.99 -22.05 28.40
C ARG A 41 5.88 -21.62 29.35
N THR A 42 6.26 -21.14 30.53
CA THR A 42 5.29 -20.58 31.48
C THR A 42 4.64 -19.30 30.93
N ALA A 43 5.45 -18.43 30.33
CA ALA A 43 4.95 -17.21 29.73
C ALA A 43 4.00 -17.49 28.56
N GLU A 44 4.41 -18.41 27.70
CA GLU A 44 3.60 -18.81 26.55
C GLU A 44 2.22 -19.35 26.96
N ALA A 45 2.18 -20.20 27.99
CA ALA A 45 0.91 -20.78 28.46
C ALA A 45 -0.07 -19.72 29.02
N LEU A 46 0.45 -18.55 29.39
CA LEU A 46 -0.36 -17.47 29.94
C LEU A 46 -0.76 -16.40 28.92
N ARG A 47 -0.45 -16.60 27.64
CA ARG A 47 -0.86 -15.65 26.59
C ARG A 47 -2.39 -15.47 26.61
N PRO A 48 -2.86 -14.21 26.73
CA PRO A 48 -4.31 -14.01 26.80
C PRO A 48 -5.03 -14.01 25.45
N ALA A 49 -6.33 -14.35 25.49
CA ALA A 49 -7.20 -14.22 24.33
C ALA A 49 -7.58 -12.74 24.17
N LEU A 50 -7.71 -12.31 22.92
CA LEU A 50 -8.10 -10.93 22.62
C LEU A 50 -9.59 -10.89 22.29
N SER A 51 -10.29 -9.93 22.85
CA SER A 51 -11.68 -9.70 22.48
C SER A 51 -11.72 -8.68 21.35
N ARG A 52 -12.54 -8.97 20.34
CA ARG A 52 -12.67 -8.14 19.15
C ARG A 52 -14.10 -7.59 19.14
N GLN A 53 -14.26 -6.28 18.90
CA GLN A 53 -15.59 -5.65 18.98
C GLN A 53 -15.76 -4.46 18.02
N ALA A 54 -16.79 -4.52 17.17
CA ALA A 54 -17.01 -3.51 16.12
C ALA A 54 -17.54 -2.17 16.64
N HIS A 55 -17.10 -1.07 16.02
CA HIS A 55 -17.57 0.26 16.36
C HIS A 55 -17.69 1.15 15.12
N PRO A 56 -18.84 1.81 14.94
CA PRO A 56 -18.93 2.77 13.84
C PRO A 56 -18.40 4.13 14.29
N PRO A 57 -18.01 4.99 13.33
CA PRO A 57 -17.58 6.35 13.67
C PRO A 57 -18.79 7.23 13.92
N ILE A 58 -18.57 8.45 14.43
CA ILE A 58 -19.70 9.33 14.79
C ILE A 58 -19.94 10.51 13.84
N ALA A 59 -18.94 10.94 13.08
CA ALA A 59 -19.13 12.08 12.20
C ALA A 59 -18.06 12.25 11.13
N VAL A 60 -18.42 13.02 10.10
CA VAL A 60 -17.46 13.58 9.16
C VAL A 60 -17.16 14.99 9.60
N VAL A 61 -15.89 15.37 9.61
CA VAL A 61 -15.47 16.69 10.07
C VAL A 61 -14.54 17.37 9.08
N GLU A 62 -14.33 18.66 9.28
CA GLU A 62 -13.38 19.45 8.52
C GLU A 62 -12.40 20.12 9.45
N ALA A 63 -11.13 20.14 9.04
CA ALA A 63 -10.06 20.72 9.84
C ALA A 63 -9.90 22.19 9.51
N HIS A 64 -9.70 23.00 10.55
CA HIS A 64 -9.39 24.42 10.35
C HIS A 64 -8.17 24.76 11.18
N ALA A 65 -7.16 25.38 10.54
CA ALA A 65 -5.95 25.80 11.25
C ALA A 65 -6.33 26.86 12.28
N ASP A 66 -6.00 26.61 13.54
CA ASP A 66 -6.41 27.46 14.66
C ASP A 66 -5.28 27.50 15.69
N ALA A 67 -4.64 28.67 15.82
CA ALA A 67 -3.53 28.86 16.76
C ALA A 67 -3.86 28.41 18.20
N ALA A 68 -5.08 28.67 18.67
CA ALA A 68 -5.44 28.45 20.07
C ALA A 68 -6.21 27.14 20.30
N ALA A 69 -5.79 26.07 19.65
CA ALA A 69 -6.46 24.78 19.78
C ALA A 69 -5.45 23.66 20.05
N LEU A 70 -5.96 22.42 20.11
CA LEU A 70 -5.12 21.22 20.34
C LEU A 70 -4.10 21.05 19.19
N PHE A 71 -2.87 21.53 19.41
CA PHE A 71 -1.78 21.44 18.43
C PHE A 71 -2.13 22.10 17.11
N GLY A 72 -2.85 23.22 17.16
CA GLY A 72 -3.10 24.05 15.99
C GLY A 72 -4.22 23.69 15.03
N TRP A 73 -5.07 22.72 15.40
CA TRP A 73 -6.14 22.27 14.50
C TRP A 73 -7.46 22.03 15.23
N ARG A 74 -8.55 22.54 14.65
CA ARG A 74 -9.90 22.42 15.22
C ARG A 74 -10.83 21.67 14.28
N ALA A 75 -11.65 20.78 14.84
CA ALA A 75 -12.65 20.03 14.06
C ALA A 75 -14.01 20.74 14.08
N GLU A 76 -14.70 20.74 12.93
CA GLU A 76 -16.09 21.23 12.81
C GLU A 76 -16.90 20.13 12.16
N PRO A 77 -18.00 19.67 12.80
CA PRO A 77 -18.85 18.65 12.19
C PRO A 77 -19.54 19.17 10.93
N VAL A 78 -19.53 18.39 9.85
CA VAL A 78 -20.20 18.79 8.61
C VAL A 78 -21.32 17.88 8.15
N SER A 79 -21.24 16.59 8.46
CA SER A 79 -22.34 15.67 8.19
C SER A 79 -22.30 14.43 9.06
N THR A 80 -23.44 13.74 9.12
CA THR A 80 -23.52 12.39 9.65
C THR A 80 -22.85 11.45 8.66
N LEU A 81 -22.77 10.17 9.03
CA LEU A 81 -22.24 9.16 8.11
C LEU A 81 -23.27 8.68 7.11
N ALA A 82 -24.54 8.63 7.51
CA ALA A 82 -25.61 8.29 6.56
C ALA A 82 -25.60 9.21 5.33
N ALA A 83 -25.27 10.49 5.55
CA ALA A 83 -25.16 11.47 4.45
C ALA A 83 -23.87 11.31 3.65
N PHE A 84 -22.79 10.91 4.32
CA PHE A 84 -21.54 10.61 3.62
C PHE A 84 -21.67 9.37 2.73
N TYR A 85 -22.49 8.39 3.14
CA TYR A 85 -22.70 7.18 2.33
C TYR A 85 -23.50 7.45 1.05
N GLN A 86 -24.09 8.64 0.95
CA GLN A 86 -24.77 9.11 -0.27
C GLN A 86 -23.82 9.83 -1.22
N ARG A 87 -22.63 10.19 -0.78
CA ARG A 87 -21.72 10.98 -1.62
C ARG A 87 -21.00 10.15 -2.66
N GLU A 88 -20.77 10.77 -3.81
CA GLU A 88 -20.07 10.16 -4.93
C GLU A 88 -18.78 10.93 -5.17
N LEU A 89 -17.66 10.33 -4.82
CA LEU A 89 -16.38 11.04 -4.80
C LEU A 89 -15.55 10.85 -6.08
N SER A 90 -14.88 11.91 -6.53
CA SER A 90 -13.98 11.86 -7.69
C SER A 90 -12.54 12.10 -7.29
N SER A 91 -11.63 12.07 -8.26
CA SER A 91 -10.21 12.31 -8.01
C SER A 91 -10.02 13.61 -7.27
N GLY A 92 -9.24 13.56 -6.18
CA GLY A 92 -8.92 14.73 -5.39
C GLY A 92 -9.84 14.95 -4.21
N ASP A 93 -11.01 14.32 -4.18
CA ASP A 93 -11.93 14.48 -3.05
C ASP A 93 -11.39 13.75 -1.83
N SER A 94 -11.60 14.32 -0.66
CA SER A 94 -11.14 13.70 0.59
C SER A 94 -11.98 14.12 1.80
N VAL A 95 -12.06 13.26 2.79
CA VAL A 95 -12.83 13.55 4.00
C VAL A 95 -12.06 13.14 5.23
N ILE A 96 -12.47 13.66 6.39
CA ILE A 96 -11.94 13.20 7.66
C ILE A 96 -13.05 12.61 8.51
N ILE A 97 -12.89 11.35 8.90
CA ILE A 97 -13.85 10.63 9.71
C ILE A 97 -13.44 10.66 11.20
N ASP A 98 -14.29 11.24 12.04
CA ASP A 98 -14.09 11.24 13.48
C ASP A 98 -14.74 10.00 14.05
N PHE A 99 -13.95 9.12 14.66
CA PHE A 99 -14.49 7.90 15.30
C PHE A 99 -15.02 8.13 16.71
N GLY A 100 -14.75 9.29 17.30
CA GLY A 100 -15.42 9.68 18.56
C GLY A 100 -14.66 9.35 19.84
N SER A 101 -13.87 8.28 19.82
CA SER A 101 -12.97 7.94 20.93
C SER A 101 -11.64 7.42 20.36
N HIS A 102 -10.79 6.89 21.24
CA HIS A 102 -9.50 6.37 20.85
C HIS A 102 -9.61 4.86 20.70
N TYR A 103 -9.29 4.33 19.53
CA TYR A 103 -9.44 2.90 19.27
C TYR A 103 -8.13 2.25 18.80
N VAL A 104 -7.99 0.97 19.12
CA VAL A 104 -6.89 0.15 18.65
C VAL A 104 -7.51 -1.01 17.93
N GLY A 105 -7.21 -1.20 16.65
CA GLY A 105 -7.82 -2.29 15.94
C GLY A 105 -7.71 -2.29 14.43
N TYR A 106 -8.66 -2.95 13.79
CA TYR A 106 -8.58 -3.24 12.37
C TYR A 106 -9.71 -2.55 11.64
N LEU A 107 -9.38 -1.90 10.52
CA LEU A 107 -10.37 -1.16 9.72
C LEU A 107 -11.10 -2.07 8.70
N HIS A 108 -12.43 -1.89 8.61
CA HIS A 108 -13.28 -2.61 7.66
C HIS A 108 -14.13 -1.57 6.95
N PHE A 109 -14.22 -1.64 5.62
CA PHE A 109 -15.18 -0.80 4.88
C PHE A 109 -15.65 -1.43 3.57
N LEU A 110 -16.82 -0.99 3.11
CA LEU A 110 -17.35 -1.41 1.81
C LEU A 110 -17.43 -0.18 0.93
N CYS A 111 -17.16 -0.36 -0.35
CA CYS A 111 -17.36 0.72 -1.31
C CYS A 111 -17.70 0.19 -2.69
N GLN A 112 -18.28 1.06 -3.53
CA GLN A 112 -18.84 0.68 -4.81
C GLN A 112 -18.81 1.80 -5.83
N SER A 113 -19.04 1.43 -7.09
CA SER A 113 -18.97 2.37 -8.21
C SER A 113 -20.27 3.17 -8.36
N ALA A 114 -20.16 4.35 -8.95
CA ALA A 114 -21.33 5.12 -9.45
C ALA A 114 -21.00 5.76 -10.81
N GLY A 115 -21.98 5.82 -11.70
CA GLY A 115 -21.81 6.45 -13.01
C GLY A 115 -21.72 5.40 -14.10
N SER A 116 -20.70 5.47 -14.94
CA SER A 116 -20.45 4.43 -15.95
C SER A 116 -19.87 3.16 -15.30
N PRO A 117 -19.75 2.07 -16.08
CA PRO A 117 -19.05 0.90 -15.56
C PRO A 117 -17.59 1.26 -15.29
N PRO A 118 -17.08 0.90 -14.10
CA PRO A 118 -15.72 1.33 -13.70
C PRO A 118 -14.61 0.80 -14.62
N ASP A 119 -13.84 1.72 -15.22
CA ASP A 119 -12.86 1.37 -16.25
C ASP A 119 -11.40 1.57 -15.84
N ALA A 120 -11.15 1.65 -14.53
CA ALA A 120 -9.78 1.70 -14.02
C ALA A 120 -9.74 1.39 -12.54
N PRO A 121 -8.57 1.00 -12.01
CA PRO A 121 -8.48 0.82 -10.56
C PRO A 121 -8.82 2.10 -9.80
N ALA A 122 -9.31 1.96 -8.59
CA ALA A 122 -9.52 3.10 -7.71
C ALA A 122 -8.35 3.22 -6.74
N HIS A 123 -7.65 4.35 -6.76
CA HIS A 123 -6.47 4.54 -5.94
C HIS A 123 -6.82 5.43 -4.75
N LEU A 124 -6.74 4.88 -3.55
CA LEU A 124 -7.05 5.60 -2.33
C LEU A 124 -5.81 5.75 -1.48
N GLN A 125 -5.86 6.74 -0.59
CA GLN A 125 -4.84 6.91 0.44
C GLN A 125 -5.52 7.15 1.78
N LEU A 126 -5.13 6.34 2.77
CA LEU A 126 -5.67 6.45 4.12
C LEU A 126 -4.61 6.95 5.09
N THR A 127 -5.01 7.81 6.02
CA THR A 127 -4.11 8.33 7.04
C THR A 127 -4.80 8.29 8.39
N PHE A 128 -4.09 7.80 9.40
CA PHE A 128 -4.67 7.55 10.71
C PHE A 128 -3.99 8.41 11.76
N GLY A 129 -4.78 9.01 12.66
CA GLY A 129 -4.20 9.84 13.72
C GLY A 129 -4.86 9.69 15.07
N GLU A 130 -4.06 9.72 16.12
CA GLU A 130 -4.59 9.77 17.47
C GLU A 130 -5.10 11.18 17.78
N THR A 131 -4.44 12.19 17.24
CA THR A 131 -4.92 13.58 17.31
C THR A 131 -5.32 14.08 15.92
N LEU A 132 -6.09 15.16 15.88
CA LEU A 132 -6.47 15.74 14.60
C LEU A 132 -5.23 16.19 13.83
N SER A 133 -4.24 16.73 14.53
CA SER A 133 -3.04 17.24 13.85
C SER A 133 -2.34 16.18 12.99
N GLU A 134 -2.45 14.90 13.36
CA GLU A 134 -1.77 13.83 12.62
C GLU A 134 -2.35 13.54 11.24
N VAL A 135 -3.58 13.98 10.98
CA VAL A 135 -4.15 13.86 9.64
C VAL A 135 -4.20 15.19 8.88
N CYS A 136 -3.60 16.23 9.45
CA CYS A 136 -3.53 17.56 8.82
C CYS A 136 -2.11 18.00 8.48
N GLU A 137 -1.13 17.59 9.27
CA GLU A 137 0.26 17.91 8.99
C GLU A 137 0.82 16.78 8.12
N PRO A 138 1.58 17.15 7.07
CA PRO A 138 2.08 16.10 6.17
C PRO A 138 3.23 15.30 6.82
N PHE A 139 3.17 13.97 6.66
CA PHE A 139 4.21 13.08 7.18
C PHE A 139 5.56 13.30 6.52
N SER A 140 5.57 13.78 5.28
CA SER A 140 6.81 14.08 4.58
C SER A 140 7.69 15.14 5.29
N ASP A 141 7.15 15.88 6.25
CA ASP A 141 7.94 16.89 6.97
C ASP A 141 8.55 16.36 8.27
N TYR A 142 8.26 15.11 8.61
CA TYR A 142 8.82 14.51 9.82
C TYR A 142 10.35 14.45 9.76
N GLN A 143 11.03 15.00 10.77
CA GLN A 143 12.51 15.07 10.78
C GLN A 143 13.12 14.57 12.09
N GLY A 144 12.71 13.39 12.51
CA GLY A 144 13.08 12.84 13.82
C GLY A 144 14.03 11.67 13.79
N TRP A 145 14.50 11.25 14.96
CA TRP A 145 15.43 10.12 15.08
C TRP A 145 14.76 8.74 15.31
N LEU A 146 13.46 8.70 15.56
CA LEU A 146 12.71 7.44 15.43
C LEU A 146 12.37 7.23 13.96
N SER A 147 12.13 5.97 13.59
CA SER A 147 11.77 5.62 12.23
C SER A 147 10.44 6.22 11.84
N SER A 148 10.39 6.84 10.65
CA SER A 148 9.14 7.40 10.12
C SER A 148 8.09 6.32 9.84
N SER A 149 8.51 5.06 9.83
CA SER A 149 7.63 3.95 9.51
C SER A 149 6.54 3.74 10.55
N TRP A 150 6.72 4.31 11.73
CA TRP A 150 5.66 4.28 12.75
C TRP A 150 4.41 5.12 12.38
N LEU A 151 4.59 6.09 11.50
CA LEU A 151 3.50 6.95 11.07
C LEU A 151 2.51 6.17 10.21
N GLN A 152 1.23 6.22 10.58
CA GLN A 152 0.20 5.29 10.10
C GLN A 152 -0.52 5.78 8.84
N GLN A 153 -0.47 4.95 7.80
CA GLN A 153 -0.68 5.39 6.44
C GLN A 153 -0.79 4.17 5.54
N GLN A 154 -1.64 4.21 4.52
CA GLN A 154 -1.81 3.05 3.64
C GLN A 154 -2.41 3.45 2.31
N ASP A 155 -1.75 3.07 1.21
CA ASP A 155 -2.32 3.24 -0.13
C ASP A 155 -2.98 1.95 -0.59
N LEU A 156 -4.07 2.09 -1.32
CA LEU A 156 -4.84 0.95 -1.83
C LEU A 156 -5.17 1.15 -3.29
N TRP A 157 -5.07 0.07 -4.05
CA TRP A 157 -5.55 0.04 -5.43
C TRP A 157 -6.62 -1.03 -5.54
N LEU A 158 -7.86 -0.62 -5.72
CA LEU A 158 -8.97 -1.55 -5.90
C LEU A 158 -9.20 -1.80 -7.39
N ASP A 159 -8.85 -3.00 -7.86
CA ASP A 159 -9.08 -3.39 -9.25
C ASP A 159 -10.57 -3.66 -9.55
N VAL A 160 -11.34 -4.05 -8.54
CA VAL A 160 -12.70 -4.54 -8.76
C VAL A 160 -13.68 -3.92 -7.76
N LEU A 161 -14.81 -3.45 -8.27
CA LEU A 161 -15.87 -2.88 -7.45
C LEU A 161 -17.18 -3.62 -7.77
N PRO A 162 -18.08 -3.80 -6.80
CA PRO A 162 -17.90 -3.38 -5.40
C PRO A 162 -16.77 -4.12 -4.67
N ALA A 163 -16.31 -3.55 -3.56
CA ALA A 163 -15.18 -4.08 -2.80
C ALA A 163 -15.50 -4.17 -1.33
N GLU A 164 -15.04 -5.24 -0.70
CA GLU A 164 -15.12 -5.40 0.75
C GLU A 164 -13.70 -5.48 1.27
N ILE A 165 -13.28 -4.51 2.08
CA ILE A 165 -11.90 -4.40 2.51
C ILE A 165 -11.70 -4.54 4.03
N ASP A 166 -10.83 -5.48 4.42
CA ASP A 166 -10.42 -5.64 5.81
C ASP A 166 -8.91 -5.50 5.84
N LEU A 167 -8.41 -4.36 6.30
CA LEU A 167 -6.96 -4.11 6.33
C LEU A 167 -6.27 -4.98 7.38
N PRO A 168 -5.11 -5.57 7.01
CA PRO A 168 -4.44 -6.52 7.91
C PRO A 168 -3.65 -5.89 9.08
N ARG A 169 -3.16 -4.66 8.93
CA ARG A 169 -2.38 -4.02 9.99
C ARG A 169 -3.26 -3.43 11.09
N ARG A 170 -2.76 -3.48 12.32
CA ARG A 170 -3.46 -2.91 13.47
C ARG A 170 -3.11 -1.44 13.62
N TYR A 171 -4.12 -0.59 13.62
CA TYR A 171 -3.91 0.85 13.72
C TYR A 171 -4.43 1.35 15.07
N CYS A 172 -3.90 2.48 15.51
CA CYS A 172 -4.31 3.12 16.75
C CYS A 172 -4.68 4.53 16.41
N PHE A 173 -5.95 4.88 16.56
CA PHE A 173 -6.41 6.16 16.04
C PHE A 173 -7.74 6.63 16.60
N ARG A 174 -7.98 7.93 16.44
CA ARG A 174 -9.31 8.49 16.53
C ARG A 174 -9.82 9.03 15.18
N TYR A 175 -8.95 9.70 14.42
CA TYR A 175 -9.34 10.27 13.13
C TYR A 175 -8.77 9.45 11.98
N LEU A 176 -9.53 9.41 10.89
CA LEU A 176 -9.15 8.73 9.67
C LEU A 176 -9.40 9.64 8.48
N LYS A 177 -8.34 9.96 7.74
CA LYS A 177 -8.48 10.71 6.51
C LYS A 177 -8.55 9.75 5.35
N VAL A 178 -9.51 9.97 4.46
CA VAL A 178 -9.70 9.14 3.28
C VAL A 178 -9.66 10.03 2.05
N GLU A 179 -8.72 9.75 1.16
CA GLU A 179 -8.47 10.55 -0.02
C GLU A 179 -8.62 9.68 -1.26
N VAL A 180 -9.42 10.13 -2.22
CA VAL A 180 -9.47 9.48 -3.51
C VAL A 180 -8.39 10.12 -4.39
N LYS A 181 -7.26 9.43 -4.52
CA LYS A 181 -6.12 9.94 -5.31
C LYS A 181 -6.40 9.93 -6.79
N ALA A 182 -7.03 8.86 -7.27
CA ALA A 182 -7.32 8.71 -8.67
C ALA A 182 -8.39 7.69 -8.97
N VAL A 183 -9.35 8.13 -9.77
CA VAL A 183 -10.25 7.27 -10.52
C VAL A 183 -10.29 7.95 -11.89
N SER A 184 -11.03 7.40 -12.85
CA SER A 184 -11.17 8.11 -14.13
C SER A 184 -12.36 9.06 -14.07
N ARG A 185 -12.52 9.86 -15.11
CA ARG A 185 -13.64 10.80 -15.21
C ARG A 185 -14.99 10.10 -15.45
N LYS A 186 -14.94 8.88 -15.97
CA LYS A 186 -16.16 8.11 -16.27
C LYS A 186 -16.93 7.56 -15.04
N PHE A 187 -16.31 7.53 -13.86
CA PHE A 187 -17.00 7.00 -12.66
C PHE A 187 -16.54 7.62 -11.36
N ARG A 188 -17.39 7.43 -10.34
CA ARG A 188 -17.15 7.96 -9.00
C ARG A 188 -17.23 6.86 -7.96
N LEU A 189 -16.61 7.11 -6.82
CA LEU A 189 -16.54 6.13 -5.75
C LEU A 189 -17.50 6.52 -4.61
N GLN A 190 -18.07 5.51 -3.96
CA GLN A 190 -19.12 5.71 -2.97
C GLN A 190 -18.98 4.69 -1.84
N PHE A 191 -18.71 5.16 -0.63
CA PHE A 191 -18.56 4.29 0.54
C PHE A 191 -19.93 4.01 1.14
N THR A 192 -20.18 2.76 1.52
CA THR A 192 -21.49 2.40 2.11
C THR A 192 -21.39 1.96 3.58
N GLN A 193 -20.19 1.66 4.07
CA GLN A 193 -20.04 1.27 5.46
C GLN A 193 -18.60 1.42 5.89
N ILE A 194 -18.38 1.92 7.09
CA ILE A 194 -17.04 2.00 7.65
C ILE A 194 -17.10 1.68 9.13
N GLU A 195 -16.23 0.80 9.59
CA GLU A 195 -16.16 0.47 11.01
C GLU A 195 -14.75 0.07 11.42
N VAL A 196 -14.49 0.15 12.73
CA VAL A 196 -13.25 -0.34 13.32
C VAL A 196 -13.56 -1.53 14.23
N ASN A 197 -12.78 -2.60 14.08
CA ASN A 197 -12.86 -3.76 14.96
C ASN A 197 -11.81 -3.62 16.07
N ALA A 198 -12.25 -3.18 17.25
CA ALA A 198 -11.32 -2.84 18.35
C ALA A 198 -10.93 -4.06 19.18
N VAL A 199 -9.67 -4.09 19.61
CA VAL A 199 -9.14 -5.22 20.35
C VAL A 199 -8.52 -4.80 21.67
N THR A 200 -8.54 -5.74 22.62
CA THR A 200 -7.94 -5.58 23.95
C THR A 200 -8.01 -6.94 24.65
N SER A 201 -7.15 -7.14 25.63
CA SER A 201 -7.22 -8.30 26.51
C SER A 201 -7.91 -7.91 27.81
N ALA A 202 -8.27 -6.65 27.96
CA ALA A 202 -8.96 -6.18 29.15
C ALA A 202 -10.46 -6.11 28.91
N SER A 203 -11.06 -7.26 28.66
CA SER A 203 -12.47 -7.35 28.34
C SER A 203 -13.31 -7.82 29.51
N GLY A 204 -12.70 -7.97 30.68
CA GLY A 204 -13.42 -8.35 31.89
C GLY A 204 -14.03 -7.15 32.60
N ALA A 205 -14.67 -7.42 33.74
CA ALA A 205 -15.29 -6.37 34.55
C ALA A 205 -14.25 -5.42 35.14
N CYS A 206 -14.70 -4.24 35.55
CA CYS A 206 -13.85 -3.19 36.09
C CYS A 206 -14.62 -2.32 37.08
N PRO A 207 -14.41 -2.53 38.41
CA PRO A 207 -15.20 -1.76 39.41
C PRO A 207 -15.20 -0.23 39.20
N ALA A 208 -16.33 0.41 39.47
CA ALA A 208 -16.47 1.86 39.36
C ALA A 208 -15.70 2.55 40.50
N ALA A 209 -15.20 3.75 40.23
CA ALA A 209 -14.48 4.50 41.25
C ALA A 209 -15.46 5.09 42.28
N THR A 210 -15.04 5.13 43.54
CA THR A 210 -15.85 5.69 44.63
C THR A 210 -15.87 7.21 44.64
N THR A 211 -14.75 7.84 44.28
CA THR A 211 -14.54 9.27 44.48
C THR A 211 -15.79 10.15 44.25
N SER A 212 -16.09 11.03 45.20
CA SER A 212 -17.21 11.96 45.05
C SER A 212 -16.78 13.28 44.38
N ASP A 213 -15.54 13.34 43.91
CA ASP A 213 -15.01 14.51 43.26
C ASP A 213 -15.16 14.38 41.73
N PRO A 214 -16.02 15.21 41.11
CA PRO A 214 -16.30 15.02 39.68
C PRO A 214 -15.07 15.15 38.77
N GLN A 215 -14.10 15.97 39.16
CA GLN A 215 -12.92 16.17 38.32
C GLN A 215 -11.95 14.98 38.38
N LEU A 216 -11.84 14.35 39.55
CA LEU A 216 -11.06 13.11 39.67
C LEU A 216 -11.73 11.95 38.93
N ARG A 217 -13.06 11.92 38.92
CA ARG A 217 -13.81 10.90 38.19
C ARG A 217 -13.50 10.96 36.70
N ALA A 218 -13.49 12.17 36.15
CA ALA A 218 -13.19 12.40 34.73
C ALA A 218 -11.78 11.94 34.36
N ILE A 219 -10.83 12.21 35.24
CA ILE A 219 -9.44 11.77 35.07
C ILE A 219 -9.33 10.25 35.15
N ASP A 220 -10.00 9.65 36.12
CA ASP A 220 -10.02 8.20 36.25
C ASP A 220 -10.57 7.52 34.99
N ASN A 221 -11.64 8.08 34.40
CA ASN A 221 -12.22 7.50 33.19
C ASN A 221 -11.23 7.49 32.04
N VAL A 222 -10.52 8.60 31.85
CA VAL A 222 -9.52 8.66 30.80
C VAL A 222 -8.36 7.71 31.07
N ALA A 223 -7.95 7.60 32.33
CA ALA A 223 -6.88 6.69 32.73
C ALA A 223 -7.22 5.24 32.42
N VAL A 224 -8.41 4.81 32.81
CA VAL A 224 -8.83 3.43 32.61
C VAL A 224 -8.84 3.06 31.12
N LEU A 225 -9.35 3.96 30.26
CA LEU A 225 -9.37 3.70 28.82
C LEU A 225 -7.96 3.58 28.28
N THR A 226 -7.05 4.41 28.81
CA THR A 226 -5.65 4.37 28.45
C THR A 226 -5.06 2.99 28.71
N LEU A 227 -5.28 2.46 29.90
CA LEU A 227 -4.75 1.16 30.25
C LEU A 227 -5.37 0.08 29.36
N GLN A 228 -6.69 0.16 29.18
CA GLN A 228 -7.41 -0.82 28.40
C GLN A 228 -6.83 -1.00 26.99
N ASN A 229 -6.51 0.10 26.33
CA ASN A 229 -5.97 0.01 24.97
C ASN A 229 -4.52 -0.47 24.93
N CYS A 230 -3.80 -0.27 26.02
CA CYS A 230 -2.43 -0.75 26.13
C CYS A 230 -2.36 -2.25 26.48
N MET A 231 -3.40 -2.78 27.11
CA MET A 231 -3.45 -4.20 27.47
C MET A 231 -3.85 -5.09 26.29
N GLN A 232 -2.86 -5.77 25.73
CA GLN A 232 -3.04 -6.60 24.53
C GLN A 232 -2.46 -7.98 24.86
N GLU A 233 -1.61 -8.54 23.99
CA GLU A 233 -0.98 -9.84 24.29
C GLU A 233 0.18 -9.67 25.28
N VAL A 234 0.61 -8.42 25.44
CA VAL A 234 1.46 -7.99 26.56
C VAL A 234 0.98 -6.61 27.01
N PHE A 235 1.55 -6.09 28.08
CA PHE A 235 1.33 -4.69 28.45
C PHE A 235 2.13 -3.78 27.51
N GLU A 236 1.53 -3.32 26.43
CA GLU A 236 2.24 -2.48 25.46
C GLU A 236 2.44 -1.07 26.05
N ASP A 237 3.57 -0.43 25.75
CA ASP A 237 3.79 0.93 26.25
C ASP A 237 2.86 1.93 25.59
N GLY A 238 2.71 1.81 24.26
CA GLY A 238 1.77 2.62 23.46
C GLY A 238 1.29 1.84 22.24
N PRO A 239 -0.04 1.82 21.99
CA PRO A 239 -0.54 0.98 20.90
C PRO A 239 -0.20 1.45 19.49
N LYS A 240 0.05 2.74 19.31
CA LYS A 240 0.54 3.23 18.01
C LYS A 240 2.01 2.91 17.90
N ARG A 241 2.74 3.28 18.94
CA ARG A 241 4.17 3.14 19.01
C ARG A 241 4.52 3.09 20.52
N ASP A 242 5.36 2.17 21.02
CA ASP A 242 6.16 1.20 20.25
C ASP A 242 5.51 -0.18 20.16
N ARG A 243 4.30 -0.33 20.67
CA ARG A 243 3.59 -1.63 20.70
C ARG A 243 4.39 -2.73 21.39
N ARG A 244 5.04 -2.39 22.48
CA ARG A 244 6.08 -3.24 23.03
C ARG A 244 6.15 -3.19 24.54
N LEU A 245 6.52 -4.31 25.14
CA LEU A 245 6.68 -4.45 26.59
C LEU A 245 8.00 -3.86 27.09
N TRP A 246 7.93 -2.79 27.88
CA TRP A 246 9.10 -2.20 28.56
C TRP A 246 8.96 -2.32 30.08
N LEU A 247 10.07 -2.46 30.79
CA LEU A 247 10.01 -2.76 32.22
C LEU A 247 9.54 -1.59 33.07
N GLY A 248 9.99 -0.38 32.77
CA GLY A 248 9.56 0.80 33.53
C GLY A 248 8.07 1.00 33.40
N ASP A 249 7.57 0.82 32.17
CA ASP A 249 6.15 0.99 31.87
C ASP A 249 5.33 -0.10 32.57
N LEU A 250 5.76 -1.34 32.43
CA LEU A 250 5.15 -2.48 33.12
C LEU A 250 4.95 -2.23 34.60
N ARG A 251 5.96 -1.66 35.26
CA ARG A 251 5.89 -1.43 36.70
C ARG A 251 4.69 -0.60 37.09
N LEU A 252 4.42 0.44 36.32
CA LEU A 252 3.30 1.34 36.60
C LEU A 252 1.98 0.74 36.15
N GLN A 253 1.99 0.08 35.00
CA GLN A 253 0.78 -0.55 34.49
C GLN A 253 0.27 -1.62 35.44
N ALA A 254 1.18 -2.38 36.04
CA ALA A 254 0.78 -3.44 36.99
C ALA A 254 0.05 -2.87 38.20
N LEU A 255 0.45 -1.69 38.67
CA LEU A 255 -0.22 -1.07 39.79
C LEU A 255 -1.67 -0.73 39.46
N VAL A 256 -1.90 -0.19 38.26
CA VAL A 256 -3.23 0.24 37.86
C VAL A 256 -4.11 -0.99 37.61
N ASN A 257 -3.53 -1.99 36.95
CA ASN A 257 -4.21 -3.26 36.72
C ASN A 257 -4.76 -3.84 38.03
N ASP A 258 -3.96 -3.74 39.07
CA ASP A 258 -4.32 -4.25 40.38
C ASP A 258 -5.70 -3.83 40.91
N VAL A 259 -6.07 -2.58 40.64
CA VAL A 259 -7.32 -2.00 41.15
C VAL A 259 -8.37 -1.76 40.06
N THR A 260 -8.09 -2.18 38.84
CA THR A 260 -9.05 -2.09 37.75
C THR A 260 -9.40 -3.50 37.27
N PHE A 261 -8.64 -4.03 36.30
CA PHE A 261 -9.02 -5.28 35.63
C PHE A 261 -8.51 -6.54 36.31
N ALA A 262 -7.58 -6.39 37.24
CA ALA A 262 -7.07 -7.50 38.06
C ALA A 262 -6.63 -8.73 37.24
N ARG A 263 -5.96 -8.49 36.13
CA ARG A 263 -5.39 -9.57 35.34
C ARG A 263 -3.96 -9.85 35.77
N HIS A 264 -3.84 -10.59 36.87
CA HIS A 264 -2.53 -10.94 37.47
C HIS A 264 -1.78 -11.93 36.60
N ASP A 265 -2.51 -12.80 35.90
CA ASP A 265 -1.90 -13.71 34.94
C ASP A 265 -1.02 -12.97 33.91
N LEU A 266 -1.44 -11.77 33.54
CA LEU A 266 -0.70 -11.01 32.53
C LEU A 266 0.55 -10.37 33.09
N VAL A 267 0.52 -9.97 34.37
CA VAL A 267 1.71 -9.44 35.05
C VAL A 267 2.73 -10.57 35.21
N ARG A 268 2.23 -11.73 35.56
CA ARG A 268 3.05 -12.93 35.68
C ARG A 268 3.70 -13.31 34.36
N ARG A 269 2.94 -13.26 33.27
CA ARG A 269 3.46 -13.54 31.93
C ARG A 269 4.62 -12.60 31.59
N CYS A 270 4.44 -11.33 31.93
CA CYS A 270 5.41 -10.32 31.56
C CYS A 270 6.66 -10.40 32.44
N LEU A 271 6.49 -10.82 33.70
CA LEU A 271 7.65 -11.14 34.55
C LEU A 271 8.49 -12.29 34.00
N TYR A 272 7.83 -13.36 33.55
CA TYR A 272 8.55 -14.51 33.02
C TYR A 272 9.21 -14.24 31.69
N LEU A 273 8.67 -13.29 30.93
CA LEU A 273 9.26 -12.92 29.66
C LEU A 273 10.62 -12.26 29.88
N PHE A 274 10.66 -11.23 30.73
CA PHE A 274 11.93 -10.56 31.03
C PHE A 274 12.95 -11.52 31.66
N ALA A 275 12.48 -12.46 32.49
CA ALA A 275 13.37 -13.43 33.11
C ALA A 275 13.86 -14.52 32.15
N GLY A 276 13.07 -14.80 31.11
CA GLY A 276 13.29 -15.94 30.22
C GLY A 276 14.33 -15.76 29.14
N HIS A 277 14.69 -14.51 28.87
CA HIS A 277 15.72 -14.23 27.87
C HIS A 277 16.50 -13.00 28.30
N THR A 278 17.71 -13.25 28.80
CA THR A 278 18.54 -12.22 29.42
C THR A 278 19.88 -12.09 28.73
N ARG A 279 20.65 -11.10 29.16
CA ARG A 279 22.04 -10.99 28.76
C ARG A 279 22.76 -12.16 29.43
N GLU A 280 23.89 -12.58 28.89
CA GLU A 280 24.54 -13.81 29.36
C GLU A 280 25.01 -13.69 30.80
N ASP A 281 25.38 -12.50 31.23
CA ASP A 281 25.74 -12.25 32.64
C ASP A 281 24.52 -12.16 33.57
N GLY A 282 23.31 -12.35 33.03
CA GLY A 282 22.09 -12.40 33.85
C GLY A 282 21.25 -11.12 33.89
N MET A 283 21.72 -10.03 33.31
CA MET A 283 20.94 -8.77 33.32
C MET A 283 19.73 -8.82 32.37
N VAL A 284 18.59 -8.38 32.88
CA VAL A 284 17.37 -8.33 32.09
C VAL A 284 17.39 -7.11 31.16
N SER A 285 16.76 -7.26 30.01
CA SER A 285 16.69 -6.18 29.02
C SER A 285 15.69 -5.12 29.43
N ALA A 286 15.78 -3.98 28.79
CA ALA A 286 14.86 -2.89 29.05
C ALA A 286 13.48 -3.20 28.47
N ASN A 287 13.47 -3.93 27.35
CA ASN A 287 12.22 -4.31 26.68
C ASN A 287 12.31 -5.65 25.94
N VAL A 288 11.15 -6.24 25.67
CA VAL A 288 11.07 -7.56 25.06
C VAL A 288 10.15 -7.55 23.83
N PHE A 289 10.60 -8.19 22.75
CA PHE A 289 9.75 -8.43 21.59
C PHE A 289 9.08 -9.79 21.73
N VAL A 290 7.91 -9.96 21.14
CA VAL A 290 7.22 -11.26 21.14
C VAL A 290 6.74 -11.70 19.75
N GLN A 291 7.29 -11.08 18.70
CA GLN A 291 7.00 -11.46 17.33
C GLN A 291 8.26 -11.35 16.47
N PRO A 292 8.57 -12.37 15.68
CA PRO A 292 7.79 -13.60 15.55
C PRO A 292 7.95 -14.60 16.72
N ASP A 293 8.98 -14.42 17.54
CA ASP A 293 9.19 -15.24 18.71
C ASP A 293 9.65 -14.31 19.82
N VAL A 294 9.91 -14.84 21.01
CA VAL A 294 10.37 -14.01 22.11
C VAL A 294 11.85 -13.65 21.91
N ILE A 295 12.12 -12.36 21.66
CA ILE A 295 13.49 -11.86 21.61
C ILE A 295 13.59 -10.65 22.52
N ALA A 296 14.56 -10.67 23.40
CA ALA A 296 14.80 -9.58 24.33
C ALA A 296 15.75 -8.61 23.66
N ASP A 297 15.53 -7.33 23.88
CA ASP A 297 16.27 -6.31 23.16
C ASP A 297 17.71 -6.28 23.63
N ASP A 298 18.60 -5.74 22.81
CA ASP A 298 19.97 -5.46 23.23
C ASP A 298 20.14 -4.06 23.84
N THR A 299 19.13 -3.59 24.56
CA THR A 299 19.15 -2.28 25.22
C THR A 299 19.05 -2.53 26.71
N PHE A 300 19.99 -2.00 27.48
CA PHE A 300 20.07 -2.30 28.90
C PHE A 300 20.13 -1.02 29.70
N LEU A 301 19.19 -0.89 30.65
CA LEU A 301 19.08 0.30 31.48
C LEU A 301 19.18 -0.03 32.97
N PHE A 302 20.04 0.70 33.67
CA PHE A 302 20.28 0.51 35.10
C PHE A 302 18.98 0.47 35.89
N ASP A 303 18.09 1.44 35.64
CA ASP A 303 16.86 1.57 36.44
C ASP A 303 15.82 0.51 36.10
N TYR A 304 15.60 0.29 34.81
CA TYR A 304 14.64 -0.73 34.36
C TYR A 304 15.01 -2.14 34.81
N SER A 305 16.30 -2.44 34.84
CA SER A 305 16.77 -3.72 35.37
C SER A 305 16.39 -3.87 36.85
N LEU A 306 16.73 -2.86 37.65
CA LEU A 306 16.38 -2.87 39.06
C LEU A 306 14.87 -2.93 39.32
N PHE A 307 14.08 -2.40 38.40
CA PHE A 307 12.62 -2.40 38.57
C PHE A 307 12.02 -3.78 38.50
N PHE A 308 12.75 -4.74 37.93
CA PHE A 308 12.33 -6.13 38.01
C PHE A 308 12.03 -6.52 39.47
N VAL A 309 12.86 -6.04 40.39
CA VAL A 309 12.69 -6.35 41.80
C VAL A 309 11.37 -5.78 42.30
N ASP A 310 11.08 -4.53 41.99
CA ASP A 310 9.88 -3.88 42.53
C ASP A 310 8.61 -4.48 41.90
N VAL A 311 8.67 -4.84 40.63
CA VAL A 311 7.51 -5.49 39.99
C VAL A 311 7.22 -6.84 40.65
N LEU A 312 8.28 -7.62 40.92
CA LEU A 312 8.11 -8.92 41.57
C LEU A 312 7.55 -8.75 42.98
N TYR A 313 8.06 -7.76 43.71
CA TYR A 313 7.56 -7.48 45.06
C TYR A 313 6.07 -7.07 45.05
N ASN A 314 5.69 -6.14 44.16
CA ASN A 314 4.28 -5.69 44.05
C ASN A 314 3.33 -6.82 43.60
N TYR A 315 3.84 -7.71 42.75
CA TYR A 315 3.08 -8.87 42.25
C TYR A 315 2.80 -9.88 43.35
N LEU A 316 3.79 -10.10 44.22
CA LEU A 316 3.60 -10.95 45.38
C LEU A 316 2.54 -10.37 46.33
N GLN A 317 2.63 -9.08 46.63
CA GLN A 317 1.67 -8.40 47.53
C GLN A 317 0.24 -8.53 47.06
N SER A 318 0.03 -8.32 45.76
CA SER A 318 -1.30 -8.25 45.17
C SER A 318 -1.90 -9.58 44.76
N ALA A 319 -1.09 -10.46 44.16
CA ALA A 319 -1.56 -11.78 43.70
C ALA A 319 -1.37 -12.91 44.72
N GLU A 320 -0.41 -12.75 45.64
CA GLU A 320 -0.14 -13.73 46.70
C GLU A 320 0.31 -15.08 46.14
N ASP A 321 1.20 -15.01 45.14
CA ASP A 321 1.70 -16.17 44.40
C ASP A 321 3.15 -16.44 44.83
N MET A 322 3.32 -17.21 45.91
CA MET A 322 4.65 -17.52 46.44
C MET A 322 5.49 -18.37 45.48
N ALA A 323 4.84 -19.28 44.75
CA ALA A 323 5.54 -20.15 43.78
C ALA A 323 6.33 -19.34 42.74
N THR A 324 5.67 -18.34 42.14
CA THR A 324 6.29 -17.52 41.11
C THR A 324 7.40 -16.68 41.72
N ALA A 325 7.13 -16.09 42.88
CA ALA A 325 8.10 -15.21 43.51
C ALA A 325 9.36 -15.97 43.91
N ARG A 326 9.19 -17.19 44.41
CA ARG A 326 10.34 -18.04 44.73
C ARG A 326 11.12 -18.44 43.48
N GLU A 327 10.43 -18.77 42.39
CA GLU A 327 11.10 -19.20 41.18
C GLU A 327 11.90 -18.06 40.53
N LEU A 328 11.37 -16.85 40.59
CA LEU A 328 11.99 -15.71 39.94
C LEU A 328 12.91 -14.87 40.82
N TRP A 329 12.98 -15.20 42.11
CA TRP A 329 13.84 -14.46 43.05
C TRP A 329 15.31 -14.39 42.58
N PRO A 330 15.91 -15.52 42.16
CA PRO A 330 17.28 -15.42 41.64
C PRO A 330 17.48 -14.39 40.53
N THR A 331 16.51 -14.24 39.64
CA THR A 331 16.60 -13.19 38.61
C THR A 331 16.65 -11.81 39.29
N ALA A 332 15.75 -11.56 40.25
CA ALA A 332 15.70 -10.29 40.98
C ALA A 332 17.00 -10.02 41.70
N ARG A 333 17.48 -11.00 42.45
CA ARG A 333 18.73 -10.89 43.20
C ARG A 333 19.90 -10.55 42.28
N ARG A 334 19.95 -11.14 41.09
CA ARG A 334 21.04 -10.91 40.15
C ARG A 334 21.06 -9.46 39.65
N GLN A 335 19.89 -8.85 39.53
CA GLN A 335 19.83 -7.45 39.08
C GLN A 335 20.50 -6.55 40.11
N VAL A 336 20.32 -6.89 41.38
CA VAL A 336 20.95 -6.16 42.47
C VAL A 336 22.47 -6.39 42.50
N GLU A 337 22.92 -7.64 42.36
CA GLU A 337 24.35 -7.95 42.35
C GLU A 337 25.03 -7.06 41.31
N LEU A 338 24.45 -7.03 40.11
CA LEU A 338 25.03 -6.27 38.99
C LEU A 338 24.97 -4.76 39.20
N ALA A 339 23.82 -4.26 39.65
CA ALA A 339 23.70 -2.83 39.93
C ALA A 339 24.72 -2.34 40.99
N LEU A 340 24.93 -3.10 42.04
CA LEU A 340 25.87 -2.69 43.09
C LEU A 340 27.33 -2.52 42.62
N THR A 341 27.69 -3.16 41.49
CA THR A 341 29.04 -2.99 40.94
C THR A 341 29.25 -1.60 40.32
N ARG A 342 28.19 -0.84 40.11
CA ARG A 342 28.37 0.51 39.61
C ARG A 342 28.77 1.53 40.69
N CYS A 343 28.78 1.13 41.95
CA CYS A 343 29.19 2.03 43.03
C CYS A 343 30.69 2.09 43.14
N ASP A 344 31.22 3.27 43.42
CA ASP A 344 32.65 3.44 43.73
C ASP A 344 32.94 2.98 45.17
N ALA A 345 34.20 3.15 45.61
CA ALA A 345 34.62 2.79 46.96
C ALA A 345 33.72 3.42 48.02
N SER A 346 33.42 4.71 47.89
CA SER A 346 32.57 5.45 48.82
C SER A 346 31.03 5.16 48.76
N GLY A 347 30.58 4.29 47.86
CA GLY A 347 29.18 3.87 47.86
C GLY A 347 28.26 4.76 47.05
N VAL A 348 28.83 5.61 46.20
CA VAL A 348 28.06 6.44 45.28
C VAL A 348 28.14 5.90 43.87
N VAL A 349 27.02 5.86 43.19
CA VAL A 349 26.94 5.35 41.80
C VAL A 349 27.74 6.22 40.83
N ARG A 350 28.59 5.60 40.00
CA ARG A 350 29.39 6.33 39.01
C ARG A 350 28.51 6.95 37.94
N ASP A 351 28.89 8.14 37.49
CA ASP A 351 28.17 8.84 36.45
C ASP A 351 28.85 8.63 35.11
N SER A 352 28.10 8.70 34.01
CA SER A 352 28.69 8.70 32.66
C SER A 352 27.72 9.29 31.65
N ASP A 353 28.23 9.64 30.47
CA ASP A 353 27.47 10.40 29.48
C ASP A 353 26.61 9.54 28.53
N ASP A 354 26.87 8.24 28.49
CA ASP A 354 26.03 7.33 27.69
C ASP A 354 24.62 7.18 28.30
N TRP A 355 23.72 6.48 27.61
CA TRP A 355 22.31 6.33 28.05
C TRP A 355 22.18 5.06 28.89
N TRP A 356 22.76 5.12 30.09
CA TRP A 356 22.93 3.96 30.96
C TRP A 356 21.77 3.77 31.93
N VAL A 357 20.99 4.82 32.13
CA VAL A 357 19.81 4.80 32.99
C VAL A 357 18.77 5.76 32.36
N PHE A 358 17.47 5.47 32.54
CA PHE A 358 16.46 6.29 31.88
C PHE A 358 15.96 7.51 32.69
N ILE A 359 15.19 7.26 33.74
CA ILE A 359 14.66 8.32 34.62
C ILE A 359 13.57 9.22 34.01
N ASP A 360 13.86 9.90 32.90
CA ASP A 360 12.87 10.77 32.22
C ASP A 360 13.36 11.08 30.81
N TRP A 361 12.47 11.57 29.96
CA TRP A 361 12.86 12.07 28.63
C TRP A 361 13.31 13.53 28.72
N GLN A 362 14.54 13.71 29.18
CA GLN A 362 15.09 15.04 29.45
C GLN A 362 16.58 15.02 29.13
N ALA A 363 16.91 15.37 27.91
CA ALA A 363 18.28 15.26 27.41
C ALA A 363 19.33 15.98 28.27
N SER A 364 18.94 17.03 28.98
CA SER A 364 19.89 17.80 29.78
C SER A 364 19.99 17.31 31.25
N LEU A 365 19.39 16.18 31.56
CA LEU A 365 19.32 15.72 32.96
C LEU A 365 20.56 14.91 33.31
N ASN A 366 21.30 15.36 34.31
CA ASN A 366 22.33 14.51 34.91
C ASN A 366 21.67 13.49 35.82
N LYS A 367 21.98 12.23 35.59
CA LYS A 367 21.19 11.14 36.17
C LYS A 367 21.75 10.47 37.41
N GLN A 368 22.91 10.91 37.89
CA GLN A 368 23.58 10.21 38.99
C GLN A 368 22.77 10.12 40.27
N ALA A 369 22.25 11.24 40.75
CA ALA A 369 21.51 11.26 42.02
C ALA A 369 20.22 10.46 41.96
N ALA A 370 19.47 10.60 40.86
CA ALA A 370 18.24 9.84 40.66
C ALA A 370 18.53 8.35 40.63
N ALA A 371 19.60 7.95 39.94
CA ALA A 371 20.01 6.55 39.90
C ALA A 371 20.39 6.01 41.29
N GLN A 372 21.07 6.82 42.09
CA GLN A 372 21.38 6.45 43.47
C GLN A 372 20.09 6.15 44.22
N GLY A 373 19.08 6.99 44.03
CA GLY A 373 17.79 6.81 44.68
C GLY A 373 17.06 5.57 44.21
N VAL A 374 17.17 5.27 42.92
CA VAL A 374 16.50 4.08 42.40
C VAL A 374 17.15 2.83 42.99
N LEU A 375 18.46 2.84 43.12
CA LEU A 375 19.18 1.72 43.70
C LEU A 375 18.73 1.46 45.13
N ILE A 376 18.69 2.52 45.93
CA ILE A 376 18.30 2.42 47.33
C ILE A 376 16.83 1.99 47.46
N TYR A 377 15.98 2.50 46.59
CA TYR A 377 14.56 2.13 46.58
C TYR A 377 14.38 0.64 46.30
N CYS A 378 15.11 0.12 45.32
CA CYS A 378 14.95 -1.26 44.89
C CYS A 378 15.70 -2.26 45.79
N LEU A 379 16.82 -1.82 46.36
CA LEU A 379 17.50 -2.63 47.38
C LEU A 379 16.58 -2.90 48.57
N GLN A 380 15.84 -1.88 49.01
CA GLN A 380 14.87 -2.04 50.09
C GLN A 380 13.85 -3.15 49.81
N ARG A 381 13.36 -3.22 48.58
CA ARG A 381 12.41 -4.27 48.20
C ARG A 381 13.11 -5.61 48.08
N ALA A 382 14.36 -5.61 47.62
CA ALA A 382 15.16 -6.84 47.61
C ALA A 382 15.34 -7.44 49.03
N ILE A 383 15.40 -6.58 50.03
CA ILE A 383 15.50 -7.02 51.42
C ILE A 383 14.20 -7.69 51.83
N TRP A 384 13.07 -7.07 51.50
CA TRP A 384 11.79 -7.64 51.89
C TRP A 384 11.58 -9.01 51.25
N LEU A 385 12.02 -9.16 50.01
CA LEU A 385 11.95 -10.44 49.32
C LEU A 385 12.94 -11.44 49.94
N ALA A 386 14.16 -10.97 50.21
CA ALA A 386 15.19 -11.82 50.81
C ALA A 386 14.75 -12.40 52.15
N GLU A 387 14.06 -11.60 52.97
CA GLU A 387 13.54 -12.06 54.26
C GLU A 387 12.73 -13.37 54.11
N ARG A 388 12.00 -13.52 53.01
CA ARG A 388 11.22 -14.74 52.74
C ARG A 388 12.00 -15.88 52.09
N PHE A 389 12.82 -15.57 51.09
CA PHE A 389 13.44 -16.61 50.26
C PHE A 389 14.93 -16.84 50.48
N GLU A 390 15.61 -15.92 51.19
CA GLU A 390 17.05 -16.05 51.47
C GLU A 390 17.45 -15.16 52.68
N PRO A 391 17.01 -15.54 53.89
CA PRO A 391 17.14 -14.68 55.09
C PRO A 391 18.56 -14.23 55.39
N GLU A 392 19.52 -15.11 55.10
CA GLU A 392 20.93 -14.85 55.40
C GLU A 392 21.51 -13.67 54.62
N LEU A 393 21.00 -13.47 53.42
CA LEU A 393 21.43 -12.39 52.54
C LEU A 393 20.85 -11.04 52.98
N ALA A 394 19.66 -11.04 53.56
CA ALA A 394 19.02 -9.82 54.04
C ALA A 394 19.89 -9.09 55.04
N VAL A 395 20.64 -9.84 55.85
CA VAL A 395 21.52 -9.24 56.84
C VAL A 395 22.55 -8.30 56.19
N SER A 396 23.23 -8.78 55.14
CA SER A 396 24.25 -7.97 54.46
C SER A 396 23.62 -6.88 53.57
N TYR A 397 22.50 -7.18 52.92
CA TYR A 397 21.74 -6.14 52.20
C TYR A 397 21.32 -4.96 53.11
N ARG A 398 20.95 -5.25 54.37
CA ARG A 398 20.59 -4.16 55.30
C ARG A 398 21.76 -3.23 55.60
N GLN A 399 22.96 -3.81 55.73
CA GLN A 399 24.18 -3.01 55.95
C GLN A 399 24.49 -2.17 54.74
N ARG A 400 24.31 -2.77 53.57
CA ARG A 400 24.58 -2.10 52.32
C ARG A 400 23.63 -0.93 52.09
N LEU A 401 22.36 -1.11 52.45
CA LEU A 401 21.36 -0.04 52.37
C LEU A 401 21.82 1.17 53.17
N GLN A 402 22.36 0.92 54.36
CA GLN A 402 22.83 1.98 55.22
C GLN A 402 24.01 2.75 54.61
N GLN A 403 24.96 2.03 54.02
CA GLN A 403 26.12 2.65 53.37
C GLN A 403 25.66 3.57 52.27
N LEU A 404 24.74 3.10 51.43
CA LEU A 404 24.26 3.88 50.28
C LEU A 404 23.52 5.14 50.71
N LYS A 405 22.63 5.02 51.69
CA LYS A 405 21.95 6.19 52.22
C LYS A 405 22.92 7.22 52.80
N SER A 406 23.88 6.76 53.62
CA SER A 406 24.91 7.66 54.16
C SER A 406 25.73 8.33 53.07
N ALA A 407 26.16 7.55 52.08
CA ALA A 407 26.94 8.08 50.99
C ALA A 407 26.15 9.14 50.20
N ALA A 408 24.85 8.91 50.06
CA ALA A 408 23.99 9.88 49.39
C ALA A 408 23.98 11.21 50.13
N LEU A 409 23.76 11.17 51.44
CA LEU A 409 23.84 12.38 52.26
C LEU A 409 25.20 13.08 52.18
N ASP A 410 26.29 12.33 52.33
CA ASP A 410 27.61 12.95 52.36
C ASP A 410 28.00 13.59 51.04
N ALA A 411 27.78 12.89 49.94
CA ALA A 411 28.27 13.35 48.65
C ALA A 411 27.27 14.22 47.91
N LEU A 412 25.97 14.00 48.10
CA LEU A 412 24.96 14.65 47.26
C LEU A 412 24.13 15.78 47.92
N TRP A 413 23.97 15.77 49.23
CA TRP A 413 23.13 16.77 49.88
C TRP A 413 23.85 18.12 49.94
N ASP A 414 23.15 19.19 49.55
CA ASP A 414 23.64 20.57 49.67
C ASP A 414 22.71 21.40 50.58
N PRO A 415 23.11 21.57 51.85
CA PRO A 415 22.34 22.28 52.87
C PRO A 415 21.96 23.70 52.52
N GLN A 416 22.84 24.41 51.81
CA GLN A 416 22.58 25.81 51.47
C GLN A 416 21.45 25.95 50.47
N GLN A 417 21.34 24.98 49.56
CA GLN A 417 20.25 24.98 48.56
C GLN A 417 19.03 24.17 49.00
N GLY A 418 19.21 23.25 49.96
CA GLY A 418 18.12 22.41 50.47
C GLY A 418 17.68 21.36 49.47
N PHE A 419 18.60 20.99 48.58
CA PHE A 419 18.35 20.01 47.52
C PHE A 419 19.58 19.11 47.37
N TYR A 420 19.38 17.95 46.76
CA TYR A 420 20.50 17.11 46.36
C TYR A 420 21.04 17.59 45.01
N VAL A 421 22.37 17.54 44.87
CA VAL A 421 23.03 17.83 43.60
C VAL A 421 23.43 16.53 42.89
N SER A 422 23.67 16.63 41.58
CA SER A 422 23.96 15.44 40.75
C SER A 422 25.08 15.74 39.74
N GLY A 423 26.05 14.83 39.67
CA GLY A 423 27.16 14.93 38.73
C GLY A 423 28.26 15.89 39.14
N ALA A 424 29.35 15.88 38.38
CA ALA A 424 30.50 16.75 38.61
C ALA A 424 30.18 18.24 38.58
N ARG A 425 29.19 18.66 37.81
CA ARG A 425 28.80 20.08 37.78
C ARG A 425 27.65 20.42 38.77
N ARG A 426 27.32 19.50 39.66
CA ARG A 426 26.40 19.77 40.79
C ARG A 426 25.07 20.35 40.36
N GLN A 427 24.46 19.68 39.40
CA GLN A 427 23.16 20.08 38.85
C GLN A 427 22.03 19.81 39.82
N VAL A 428 21.05 20.72 39.84
CA VAL A 428 19.84 20.60 40.65
C VAL A 428 18.62 20.33 39.75
N SER A 429 18.05 19.13 39.90
CA SER A 429 16.91 18.71 39.09
C SER A 429 15.73 18.32 39.97
N TRP A 430 14.55 18.23 39.36
CA TRP A 430 13.40 17.68 40.09
C TRP A 430 13.60 16.19 40.35
N ALA A 431 14.14 15.49 39.36
CA ALA A 431 14.25 14.04 39.43
C ALA A 431 15.09 13.59 40.65
N SER A 432 16.24 14.22 40.85
CA SER A 432 17.09 13.89 41.99
C SER A 432 16.32 13.93 43.30
N GLN A 433 15.52 14.96 43.50
CA GLN A 433 14.82 15.16 44.78
C GLN A 433 13.75 14.09 44.96
N ILE A 434 13.00 13.85 43.89
CA ILE A 434 11.89 12.91 43.92
C ILE A 434 12.39 11.52 44.30
N TRP A 435 13.45 11.07 43.64
CA TRP A 435 13.94 9.70 43.82
C TRP A 435 14.63 9.50 45.14
N LEU A 436 15.38 10.49 45.61
CA LEU A 436 16.04 10.36 46.90
C LEU A 436 15.08 10.52 48.08
N VAL A 437 13.93 11.15 47.86
CA VAL A 437 12.87 11.15 48.85
C VAL A 437 12.14 9.78 48.87
N LEU A 438 11.92 9.19 47.71
CA LEU A 438 11.29 7.88 47.66
C LEU A 438 12.19 6.82 48.27
N ALA A 439 13.49 7.02 48.15
CA ALA A 439 14.50 6.11 48.71
C ALA A 439 14.56 6.15 50.24
N GLU A 440 13.93 7.17 50.83
CA GLU A 440 13.87 7.36 52.28
C GLU A 440 15.25 7.65 52.87
N VAL A 441 16.04 8.44 52.16
CA VAL A 441 17.32 8.94 52.67
C VAL A 441 17.00 10.06 53.66
N GLY A 442 17.76 10.14 54.75
CA GLY A 442 17.56 11.21 55.72
C GLY A 442 16.39 10.96 56.65
N THR A 443 15.80 12.02 57.19
CA THR A 443 14.69 11.90 58.15
C THR A 443 13.37 12.25 57.49
N PRO A 444 12.24 11.80 58.08
CA PRO A 444 10.92 12.14 57.55
C PRO A 444 10.66 13.64 57.43
N GLN A 445 11.10 14.42 58.42
CA GLN A 445 10.90 15.86 58.38
C GLN A 445 11.86 16.54 57.38
N GLN A 446 13.06 15.99 57.15
CA GLN A 446 13.94 16.52 56.09
C GLN A 446 13.26 16.36 54.73
N ARG A 447 12.66 15.19 54.53
CA ARG A 447 12.00 14.85 53.27
C ARG A 447 10.76 15.69 53.01
N ARG A 448 9.99 15.97 54.04
CA ARG A 448 8.84 16.86 53.91
C ARG A 448 9.31 18.27 53.57
N GLU A 449 10.37 18.75 54.23
CA GLU A 449 11.03 20.04 53.89
C GLU A 449 11.50 20.12 52.44
N ILE A 450 11.96 19.00 51.87
CA ILE A 450 12.36 18.98 50.45
C ILE A 450 11.16 19.16 49.51
N MET A 451 10.03 18.54 49.80
CA MET A 451 8.85 18.63 48.95
C MET A 451 8.26 20.04 49.02
N ARG A 452 8.33 20.67 50.19
CA ARG A 452 7.99 22.10 50.33
C ARG A 452 8.95 23.01 49.56
N ASN A 453 10.20 22.60 49.48
CA ASN A 453 11.20 23.37 48.77
C ASN A 453 10.96 23.33 47.25
N LEU A 454 10.46 22.21 46.72
CA LEU A 454 10.08 22.14 45.29
C LEU A 454 8.94 23.09 44.96
N GLU A 455 8.02 23.24 45.90
CA GLU A 455 6.79 23.97 45.72
C GLU A 455 7.08 25.47 45.76
N LYS A 456 7.97 25.88 46.64
CA LYS A 456 8.35 27.30 46.81
C LYS A 456 9.59 27.74 46.02
N ASN A 457 10.45 26.79 45.65
CA ASN A 457 11.72 27.09 45.00
C ASN A 457 12.09 26.02 43.96
N PRO A 458 11.33 26.00 42.84
CA PRO A 458 11.45 24.96 41.82
C PRO A 458 12.83 24.89 41.12
N PRO A 459 13.46 23.70 41.10
CA PRO A 459 14.68 23.42 40.33
C PRO A 459 14.56 23.74 38.84
N ALA A 460 15.70 23.97 38.22
CA ALA A 460 15.74 24.41 36.83
C ALA A 460 15.38 23.29 35.84
N VAL A 461 15.79 22.06 36.12
CA VAL A 461 15.63 20.97 35.16
C VAL A 461 14.30 20.26 35.44
N ALA A 462 13.34 20.52 34.57
CA ALA A 462 11.95 20.17 34.84
C ALA A 462 11.60 18.76 34.41
N MET A 463 10.41 18.33 34.83
CA MET A 463 9.86 17.03 34.47
C MET A 463 9.15 17.11 33.10
N ASN A 464 9.37 16.12 32.25
CA ASN A 464 8.79 16.12 30.90
C ASN A 464 7.73 15.06 30.65
N THR A 465 7.51 14.14 31.59
CA THR A 465 6.56 13.04 31.34
C THR A 465 5.64 12.77 32.53
N PRO A 466 4.43 12.28 32.25
CA PRO A 466 3.62 11.83 33.37
C PRO A 466 4.26 10.65 34.11
N TYR A 467 5.19 9.94 33.47
CA TYR A 467 5.97 8.89 34.14
C TYR A 467 6.71 9.44 35.37
N LEU A 468 7.46 10.52 35.19
CA LEU A 468 8.20 11.12 36.30
C LEU A 468 7.25 11.80 37.26
N ARG A 469 6.17 12.36 36.74
CA ARG A 469 5.20 13.02 37.61
C ARG A 469 4.54 12.04 38.55
N HIS A 470 4.31 10.81 38.08
CA HIS A 470 3.79 9.77 38.95
C HIS A 470 4.59 9.68 40.24
N HIS A 471 5.91 9.75 40.12
CA HIS A 471 6.78 9.61 41.26
C HIS A 471 6.74 10.82 42.18
N TYR A 472 6.57 12.00 41.59
CA TYR A 472 6.34 13.22 42.34
C TYR A 472 5.11 13.08 43.23
N ILE A 473 4.04 12.52 42.67
CA ILE A 473 2.81 12.30 43.42
C ILE A 473 3.04 11.32 44.57
N ALA A 474 3.75 10.23 44.27
CA ALA A 474 4.04 9.22 45.28
C ALA A 474 4.85 9.80 46.43
N ALA A 475 5.81 10.66 46.09
CA ALA A 475 6.64 11.32 47.10
C ALA A 475 5.82 12.25 47.98
N LEU A 476 4.89 12.99 47.38
CA LEU A 476 4.00 13.85 48.16
C LEU A 476 3.20 13.03 49.17
N LEU A 477 2.58 11.95 48.71
CA LEU A 477 1.78 11.09 49.59
C LEU A 477 2.61 10.47 50.73
N GLN A 478 3.81 9.99 50.39
CA GLN A 478 4.72 9.39 51.36
C GLN A 478 5.08 10.36 52.50
N CYS A 479 5.16 11.66 52.20
CA CYS A 479 5.46 12.66 53.21
C CYS A 479 4.20 13.23 53.87
N GLY A 480 3.04 12.61 53.62
CA GLY A 480 1.79 13.02 54.25
C GLY A 480 1.21 14.31 53.68
N LEU A 481 1.63 14.70 52.47
CA LEU A 481 1.11 15.91 51.82
C LEU A 481 -0.02 15.54 50.87
N ARG A 482 -1.13 15.10 51.46
CA ARG A 482 -2.25 14.49 50.73
C ARG A 482 -3.03 15.52 49.90
N ASP A 483 -3.38 16.66 50.50
CA ASP A 483 -4.09 17.71 49.79
C ASP A 483 -3.28 18.25 48.59
N GLU A 484 -1.97 18.35 48.77
CA GLU A 484 -1.05 18.81 47.71
C GLU A 484 -0.99 17.80 46.56
N ALA A 485 -1.08 16.50 46.87
CA ALA A 485 -1.10 15.45 45.86
C ALA A 485 -2.38 15.45 45.03
N ILE A 486 -3.51 15.74 45.67
CA ILE A 486 -4.79 15.85 44.96
C ILE A 486 -4.74 17.04 44.01
N ALA A 487 -4.35 18.21 44.51
CA ALA A 487 -4.25 19.42 43.68
C ALA A 487 -3.32 19.22 42.47
N GLN A 488 -2.28 18.43 42.65
CA GLN A 488 -1.30 18.17 41.59
C GLN A 488 -1.77 17.20 40.52
N ILE A 489 -2.57 16.21 40.90
CA ILE A 489 -3.19 15.33 39.93
C ILE A 489 -4.16 16.15 39.06
N LYS A 490 -4.96 16.99 39.70
CA LYS A 490 -5.91 17.83 39.00
C LYS A 490 -5.27 18.86 38.06
N ALA A 491 -4.19 19.50 38.51
CA ALA A 491 -3.54 20.54 37.72
C ALA A 491 -2.88 19.95 36.46
N TYR A 492 -2.19 18.83 36.62
CA TYR A 492 -1.44 18.22 35.52
C TYR A 492 -2.32 17.35 34.60
N TRP A 493 -2.84 16.23 35.12
CA TRP A 493 -3.70 15.35 34.31
C TRP A 493 -5.03 16.01 33.92
N GLY A 494 -5.56 16.87 34.78
CA GLY A 494 -6.75 17.65 34.44
C GLY A 494 -6.56 18.57 33.25
N ALA A 495 -5.33 19.05 33.07
CA ALA A 495 -4.97 19.88 31.90
C ALA A 495 -5.11 19.09 30.61
N MET A 496 -4.63 17.85 30.60
CA MET A 496 -4.77 16.97 29.44
C MET A 496 -6.23 16.69 29.15
N VAL A 497 -7.02 16.46 30.20
CA VAL A 497 -8.45 16.26 30.04
C VAL A 497 -9.10 17.50 29.44
N ASP A 498 -8.83 18.67 30.02
CA ASP A 498 -9.39 19.94 29.52
C ASP A 498 -9.02 20.23 28.06
N TYR A 499 -7.82 19.82 27.64
CA TYR A 499 -7.39 19.94 26.24
C TYR A 499 -8.17 19.00 25.30
N GLY A 500 -8.87 18.01 25.86
CA GLY A 500 -9.73 17.12 25.08
C GLY A 500 -9.18 15.72 24.85
N ALA A 501 -8.26 15.27 25.71
CA ALA A 501 -7.64 13.96 25.57
C ALA A 501 -8.62 12.84 25.88
N ASP A 502 -8.64 11.81 25.03
CA ASP A 502 -9.41 10.59 25.30
C ASP A 502 -8.59 9.60 26.13
N THR A 503 -7.27 9.68 25.95
CA THR A 503 -6.29 8.85 26.65
C THR A 503 -5.10 9.71 27.04
N PHE A 504 -4.38 9.33 28.09
CA PHE A 504 -3.25 10.14 28.55
C PHE A 504 -1.98 9.92 27.72
N TRP A 505 -1.17 10.98 27.64
CA TRP A 505 -0.09 11.06 26.66
C TRP A 505 1.23 10.54 27.21
N GLU A 506 2.07 10.05 26.30
CA GLU A 506 3.43 9.66 26.63
C GLU A 506 4.26 10.85 27.17
N ILE A 507 4.18 11.98 26.47
CA ILE A 507 4.98 13.17 26.78
C ILE A 507 4.05 14.34 27.15
N PHE A 508 4.36 15.06 28.23
CA PHE A 508 3.62 16.29 28.56
C PHE A 508 4.35 17.24 29.52
N ASP A 509 4.86 18.34 28.96
CA ASP A 509 5.41 19.47 29.72
C ASP A 509 4.44 20.63 29.52
N PRO A 510 3.67 21.01 30.55
CA PRO A 510 2.65 22.07 30.44
C PRO A 510 3.17 23.36 29.85
N ALA A 511 4.41 23.72 30.17
CA ALA A 511 5.03 24.94 29.65
C ALA A 511 5.40 24.87 28.16
N HIS A 512 5.59 23.66 27.62
CA HIS A 512 5.87 23.45 26.18
C HIS A 512 5.04 22.29 25.64
N PRO A 513 3.80 22.57 25.24
CA PRO A 513 2.94 21.41 24.91
C PRO A 513 3.34 20.75 23.59
N ASP A 514 4.11 21.46 22.75
CA ASP A 514 4.66 20.92 21.48
C ASP A 514 5.84 19.97 21.61
N PHE A 515 6.35 19.81 22.83
CA PHE A 515 7.63 19.14 23.05
C PHE A 515 7.63 17.69 22.58
N SER A 516 8.73 17.31 21.93
CA SER A 516 9.01 15.92 21.63
C SER A 516 10.49 15.61 21.77
N PRO A 517 10.83 14.57 22.56
CA PRO A 517 12.22 14.13 22.57
C PRO A 517 12.64 13.47 21.27
N TYR A 518 11.67 13.08 20.44
CA TYR A 518 11.93 12.37 19.19
C TYR A 518 12.07 13.32 18.00
N GLY A 519 11.66 14.57 18.17
CA GLY A 519 11.80 15.61 17.13
C GLY A 519 10.56 15.87 16.29
N SER A 520 9.41 15.34 16.70
CA SER A 520 8.12 15.71 16.13
C SER A 520 6.99 15.22 17.00
N LYS A 521 6.02 16.08 17.25
CA LYS A 521 4.90 15.72 18.13
C LYS A 521 4.03 14.68 17.43
N LEU A 522 4.18 14.52 16.11
CA LEU A 522 3.46 13.51 15.32
C LEU A 522 3.80 12.09 15.73
N ILE A 523 5.02 11.85 16.18
CA ILE A 523 5.46 10.51 16.49
C ILE A 523 5.46 10.23 17.99
N ASN A 524 5.09 11.21 18.81
CA ASN A 524 4.79 10.93 20.21
C ASN A 524 3.56 10.01 20.26
N SER A 525 3.45 9.27 21.35
CA SER A 525 2.28 8.44 21.61
C SER A 525 1.27 9.22 22.44
N TYR A 526 0.00 9.11 22.09
CA TYR A 526 -1.09 9.84 22.79
C TYR A 526 -1.99 8.90 23.58
N CYS A 527 -1.52 7.66 23.73
CA CYS A 527 -2.15 6.70 24.63
C CYS A 527 -1.02 5.88 25.20
N HIS A 528 -0.52 6.29 26.36
CA HIS A 528 0.65 5.65 26.96
C HIS A 528 0.33 5.33 28.39
N ALA A 529 0.37 4.06 28.72
CA ALA A 529 -0.17 3.57 30.00
C ALA A 529 0.70 3.91 31.21
N TRP A 530 1.94 4.33 30.99
CA TRP A 530 2.74 4.82 32.10
C TRP A 530 2.20 6.16 32.61
N SER A 531 1.22 6.72 31.89
CA SER A 531 0.55 7.96 32.29
C SER A 531 -0.84 7.78 32.90
N CYS A 532 -1.24 6.53 33.20
CA CYS A 532 -2.60 6.28 33.70
C CYS A 532 -2.67 5.97 35.20
N THR A 533 -1.63 6.32 35.96
CA THR A 533 -1.58 5.97 37.37
C THR A 533 -2.55 6.72 38.27
N PRO A 534 -3.05 7.89 37.83
CA PRO A 534 -4.08 8.52 38.66
C PRO A 534 -5.23 7.58 39.06
N ALA A 535 -5.59 6.66 38.18
CA ALA A 535 -6.56 5.64 38.54
C ALA A 535 -6.15 4.87 39.80
N TRP A 536 -4.87 4.51 39.89
CA TRP A 536 -4.34 3.81 41.08
C TRP A 536 -4.37 4.72 42.32
N PHE A 537 -3.83 5.92 42.20
CA PHE A 537 -3.84 6.87 43.32
C PHE A 537 -5.26 7.13 43.82
N ILE A 538 -6.18 7.34 42.88
CA ILE A 538 -7.54 7.70 43.23
C ILE A 538 -8.21 6.52 43.95
N ARG A 539 -8.05 5.33 43.40
CA ARG A 539 -8.70 4.13 43.97
C ARG A 539 -8.02 3.60 45.22
N GLN A 540 -6.70 3.49 45.20
CA GLN A 540 -5.94 2.94 46.32
C GLN A 540 -5.94 3.84 47.56
N TYR A 541 -5.87 5.16 47.36
CA TYR A 541 -5.85 6.11 48.49
C TYR A 541 -7.20 6.76 48.77
N GLY A 542 -8.22 6.36 48.00
CA GLY A 542 -9.57 6.86 48.22
C GLY A 542 -9.66 8.37 48.15
N LEU A 543 -9.05 8.94 47.12
CA LEU A 543 -9.06 10.39 46.95
C LEU A 543 -10.45 10.89 46.50
N VAL B 31 -28.72 4.85 -20.70
CA VAL B 31 -28.25 3.90 -21.75
C VAL B 31 -28.75 2.47 -21.47
N MET B 32 -29.84 2.08 -22.10
CA MET B 32 -30.48 0.78 -21.85
C MET B 32 -29.71 -0.39 -22.48
N MET B 33 -29.52 -1.46 -21.73
CA MET B 33 -28.83 -2.66 -22.21
C MET B 33 -29.76 -3.87 -22.18
N THR B 34 -29.30 -4.97 -22.79
CA THR B 34 -30.06 -6.23 -22.88
C THR B 34 -29.11 -7.41 -22.65
N ARG B 35 -29.45 -8.28 -21.70
CA ARG B 35 -28.64 -9.42 -21.34
C ARG B 35 -29.21 -10.63 -22.08
N HIS B 36 -28.37 -11.54 -22.55
CA HIS B 36 -28.82 -12.81 -23.13
C HIS B 36 -28.23 -14.00 -22.35
N PRO B 37 -28.99 -14.49 -21.34
CA PRO B 37 -28.42 -15.50 -20.43
C PRO B 37 -27.82 -16.74 -21.12
N ASN B 38 -28.47 -17.21 -22.19
CA ASN B 38 -27.99 -18.37 -22.95
C ASN B 38 -26.58 -18.17 -23.50
N PHE B 39 -26.35 -17.05 -24.19
CA PHE B 39 -25.02 -16.75 -24.73
C PHE B 39 -23.96 -16.62 -23.64
N LEU B 40 -24.32 -16.03 -22.51
CA LEU B 40 -23.36 -15.82 -21.40
C LEU B 40 -22.96 -17.11 -20.71
N ARG B 41 -23.88 -18.07 -20.62
CA ARG B 41 -23.56 -19.37 -20.05
C ARG B 41 -22.59 -20.14 -20.93
N THR B 42 -22.70 -19.99 -22.25
CA THR B 42 -21.75 -20.58 -23.19
C THR B 42 -20.34 -19.99 -23.03
N ALA B 43 -20.28 -18.67 -22.89
CA ALA B 43 -19.01 -17.97 -22.66
C ALA B 43 -18.35 -18.39 -21.34
N GLU B 44 -19.16 -18.46 -20.28
CA GLU B 44 -18.67 -18.86 -18.97
C GLU B 44 -18.07 -20.27 -18.99
N ALA B 45 -18.73 -21.21 -19.65
CA ALA B 45 -18.26 -22.60 -19.71
C ALA B 45 -16.92 -22.73 -20.45
N LEU B 46 -16.55 -21.74 -21.25
CA LEU B 46 -15.32 -21.76 -22.02
C LEU B 46 -14.17 -20.96 -21.37
N ARG B 47 -14.37 -20.45 -20.16
CA ARG B 47 -13.31 -19.72 -19.43
C ARG B 47 -12.06 -20.62 -19.29
N PRO B 48 -10.89 -20.14 -19.76
CA PRO B 48 -9.70 -21.00 -19.74
C PRO B 48 -9.01 -21.05 -18.39
N ALA B 49 -8.30 -22.15 -18.14
CA ALA B 49 -7.43 -22.27 -16.99
C ALA B 49 -6.14 -21.49 -17.28
N LEU B 50 -5.59 -20.87 -16.25
CA LEU B 50 -4.34 -20.13 -16.37
C LEU B 50 -3.19 -21.00 -15.90
N SER B 51 -2.09 -21.00 -16.66
CA SER B 51 -0.86 -21.64 -16.20
C SER B 51 -0.01 -20.61 -15.47
N ARG B 52 0.54 -21.01 -14.33
CA ARG B 52 1.34 -20.14 -13.48
C ARG B 52 2.75 -20.72 -13.48
N GLN B 53 3.77 -19.89 -13.67
CA GLN B 53 5.16 -20.38 -13.78
C GLN B 53 6.20 -19.38 -13.26
N ALA B 54 7.04 -19.84 -12.32
CA ALA B 54 8.03 -18.97 -11.64
C ALA B 54 9.24 -18.59 -12.49
N HIS B 55 9.72 -17.37 -12.33
CA HIS B 55 10.92 -16.89 -13.03
C HIS B 55 11.75 -15.97 -12.15
N PRO B 56 13.06 -16.22 -12.04
CA PRO B 56 13.90 -15.27 -11.33
C PRO B 56 14.35 -14.16 -12.27
N PRO B 57 14.74 -12.99 -11.72
CA PRO B 57 15.29 -11.90 -12.53
C PRO B 57 16.73 -12.19 -12.90
N ILE B 58 17.32 -11.40 -13.79
CA ILE B 58 18.68 -11.68 -14.29
C ILE B 58 19.76 -10.74 -13.76
N ALA B 59 19.40 -9.53 -13.32
CA ALA B 59 20.43 -8.62 -12.83
C ALA B 59 19.89 -7.45 -12.03
N VAL B 60 20.79 -6.83 -11.27
CA VAL B 60 20.57 -5.51 -10.70
C VAL B 60 21.24 -4.49 -11.61
N VAL B 61 20.55 -3.40 -11.90
CA VAL B 61 21.07 -2.37 -12.83
C VAL B 61 20.96 -0.99 -12.24
N GLU B 62 21.64 -0.05 -12.89
CA GLU B 62 21.56 1.36 -12.55
C GLU B 62 21.17 2.16 -13.79
N ALA B 63 20.30 3.15 -13.58
CA ALA B 63 19.79 3.99 -14.65
C ALA B 63 20.70 5.18 -14.86
N HIS B 64 20.94 5.54 -16.11
CA HIS B 64 21.69 6.75 -16.42
C HIS B 64 20.91 7.53 -17.46
N ALA B 65 20.67 8.81 -17.20
CA ALA B 65 19.99 9.68 -18.15
C ALA B 65 20.84 9.80 -19.42
N ASP B 66 20.25 9.45 -20.57
CA ASP B 66 20.96 9.36 -21.85
C ASP B 66 20.05 9.82 -22.98
N ALA B 67 20.36 10.97 -23.57
CA ALA B 67 19.56 11.54 -24.66
C ALA B 67 19.30 10.57 -25.82
N ALA B 68 20.30 9.76 -26.18
CA ALA B 68 20.22 8.91 -27.37
C ALA B 68 19.84 7.45 -27.06
N ALA B 69 18.92 7.23 -26.13
CA ALA B 69 18.53 5.87 -25.75
C ALA B 69 17.02 5.70 -25.74
N LEU B 70 16.56 4.52 -25.33
CA LEU B 70 15.12 4.20 -25.26
C LEU B 70 14.41 5.13 -24.27
N PHE B 71 13.80 6.20 -24.81
CA PHE B 71 13.06 7.19 -24.01
C PHE B 71 13.93 7.87 -22.94
N GLY B 72 15.19 8.10 -23.27
CA GLY B 72 16.09 8.88 -22.41
C GLY B 72 16.80 8.20 -21.25
N TRP B 73 16.74 6.86 -21.17
CA TRP B 73 17.35 6.13 -20.04
C TRP B 73 18.05 4.84 -20.47
N ARG B 74 19.26 4.64 -19.95
CA ARG B 74 20.10 3.48 -20.26
C ARG B 74 20.41 2.67 -19.01
N ALA B 75 20.36 1.34 -19.14
CA ALA B 75 20.70 0.43 -18.03
C ALA B 75 22.16 0.00 -18.11
N GLU B 76 22.81 -0.07 -16.95
CA GLU B 76 24.14 -0.64 -16.81
C GLU B 76 24.10 -1.72 -15.73
N PRO B 77 24.47 -2.97 -16.07
CA PRO B 77 24.54 -4.02 -15.03
C PRO B 77 25.57 -3.69 -13.95
N VAL B 78 25.20 -3.87 -12.68
CA VAL B 78 26.14 -3.63 -11.55
C VAL B 78 26.42 -4.86 -10.67
N SER B 79 25.46 -5.77 -10.55
CA SER B 79 25.69 -7.03 -9.83
C SER B 79 24.72 -8.12 -10.24
N THR B 80 25.10 -9.36 -9.94
CA THR B 80 24.19 -10.50 -10.00
C THR B 80 23.19 -10.36 -8.86
N LEU B 81 22.25 -11.29 -8.80
CA LEU B 81 21.31 -11.34 -7.68
C LEU B 81 21.89 -12.03 -6.44
N ALA B 82 22.76 -13.02 -6.63
CA ALA B 82 23.43 -13.67 -5.52
C ALA B 82 24.19 -12.64 -4.66
N ALA B 83 24.75 -11.62 -5.31
CA ALA B 83 25.47 -10.53 -4.63
C ALA B 83 24.52 -9.52 -3.98
N PHE B 84 23.37 -9.28 -4.60
CA PHE B 84 22.34 -8.44 -4.02
C PHE B 84 21.72 -9.06 -2.77
N TYR B 85 21.62 -10.39 -2.73
CA TYR B 85 21.08 -11.08 -1.54
C TYR B 85 22.02 -11.02 -0.32
N GLN B 86 23.28 -10.61 -0.54
CA GLN B 86 24.24 -10.35 0.52
C GLN B 86 24.15 -8.93 1.06
N ARG B 87 23.46 -8.02 0.37
CA ARG B 87 23.44 -6.62 0.77
C ARG B 87 22.50 -6.37 1.94
N GLU B 88 22.89 -5.43 2.77
CA GLU B 88 22.12 -5.01 3.94
C GLU B 88 21.73 -3.54 3.75
N LEU B 89 20.45 -3.30 3.48
CA LEU B 89 19.98 -1.98 3.04
C LEU B 89 19.42 -1.15 4.19
N SER B 90 19.71 0.15 4.17
CA SER B 90 19.18 1.10 5.17
C SER B 90 18.26 2.12 4.52
N SER B 91 17.71 3.03 5.32
CA SER B 91 16.78 4.04 4.82
C SER B 91 17.41 4.81 3.66
N GLY B 92 16.65 4.93 2.57
CA GLY B 92 17.09 5.67 1.40
C GLY B 92 17.76 4.82 0.34
N ASP B 93 18.19 3.61 0.67
CA ASP B 93 18.80 2.73 -0.32
C ASP B 93 17.73 2.23 -1.29
N SER B 94 18.09 2.08 -2.55
CA SER B 94 17.16 1.56 -3.55
C SER B 94 17.90 0.88 -4.69
N VAL B 95 17.25 -0.07 -5.32
CA VAL B 95 17.86 -0.75 -6.46
C VAL B 95 16.85 -0.90 -7.58
N ILE B 96 17.34 -1.19 -8.78
CA ILE B 96 16.47 -1.58 -9.88
C ILE B 96 16.80 -3.01 -10.33
N ILE B 97 15.79 -3.87 -10.30
CA ILE B 97 15.90 -5.25 -10.72
C ILE B 97 15.43 -5.41 -12.18
N ASP B 98 16.33 -5.86 -13.05
CA ASP B 98 15.99 -6.22 -14.43
C ASP B 98 15.57 -7.68 -14.45
N PHE B 99 14.32 -7.95 -14.83
CA PHE B 99 13.84 -9.33 -14.95
C PHE B 99 14.22 -10.00 -16.27
N GLY B 100 14.69 -9.23 -17.25
CA GLY B 100 15.26 -9.82 -18.47
C GLY B 100 14.32 -9.95 -19.65
N SER B 101 13.04 -10.16 -19.37
CA SER B 101 12.02 -10.16 -20.41
C SER B 101 10.76 -9.44 -19.87
N HIS B 102 9.67 -9.51 -20.62
CA HIS B 102 8.42 -8.87 -20.26
C HIS B 102 7.52 -9.92 -19.62
N TYR B 103 7.07 -9.66 -18.39
CA TYR B 103 6.27 -10.65 -17.67
C TYR B 103 4.95 -10.06 -17.21
N VAL B 104 3.97 -10.93 -17.09
CA VAL B 104 2.68 -10.59 -16.53
C VAL B 104 2.45 -11.56 -15.39
N GLY B 105 2.27 -11.06 -14.17
CA GLY B 105 2.09 -11.97 -13.06
C GLY B 105 2.22 -11.39 -11.67
N TYR B 106 2.55 -12.26 -10.73
CA TYR B 106 2.50 -11.94 -9.32
C TYR B 106 3.88 -11.99 -8.70
N LEU B 107 4.22 -10.97 -7.92
CA LEU B 107 5.53 -10.86 -7.28
C LEU B 107 5.60 -11.63 -5.94
N HIS B 108 6.69 -12.38 -5.75
CA HIS B 108 6.97 -13.13 -4.51
C HIS B 108 8.37 -12.76 -4.09
N PHE B 109 8.56 -12.42 -2.81
CA PHE B 109 9.91 -12.26 -2.27
C PHE B 109 10.02 -12.60 -0.78
N LEU B 110 11.22 -12.94 -0.34
CA LEU B 110 11.51 -13.14 1.08
C LEU B 110 12.51 -12.09 1.52
N CYS B 111 12.36 -11.59 2.74
CA CYS B 111 13.36 -10.69 3.31
C CYS B 111 13.42 -10.83 4.81
N GLN B 112 14.54 -10.38 5.37
CA GLN B 112 14.86 -10.59 6.78
C GLN B 112 15.73 -9.47 7.36
N SER B 113 15.80 -9.45 8.69
CA SER B 113 16.52 -8.42 9.42
C SER B 113 18.03 -8.71 9.46
N ALA B 114 18.83 -7.66 9.61
CA ALA B 114 20.26 -7.77 9.96
C ALA B 114 20.63 -6.68 10.97
N GLY B 115 21.52 -7.01 11.91
CA GLY B 115 21.99 -6.05 12.91
C GLY B 115 21.37 -6.33 14.27
N SER B 116 20.77 -5.31 14.89
CA SER B 116 20.02 -5.51 16.15
C SER B 116 18.66 -6.17 15.88
N PRO B 117 17.95 -6.57 16.96
CA PRO B 117 16.59 -7.07 16.77
C PRO B 117 15.72 -5.96 16.24
N PRO B 118 14.95 -6.21 15.18
CA PRO B 118 14.20 -5.13 14.48
C PRO B 118 13.15 -4.45 15.36
N ASP B 119 13.28 -3.13 15.53
CA ASP B 119 12.46 -2.38 16.49
C ASP B 119 11.47 -1.42 15.85
N ALA B 120 11.17 -1.61 14.57
CA ALA B 120 10.16 -0.81 13.90
C ALA B 120 9.73 -1.46 12.60
N PRO B 121 8.55 -1.09 12.09
CA PRO B 121 8.17 -1.64 10.79
C PRO B 121 9.16 -1.26 9.70
N ALA B 122 9.26 -2.09 8.67
CA ALA B 122 10.06 -1.75 7.50
C ALA B 122 9.16 -1.21 6.40
N HIS B 123 9.39 0.03 5.97
CA HIS B 123 8.56 0.69 4.97
C HIS B 123 9.25 0.66 3.62
N LEU B 124 8.67 -0.07 2.67
CA LEU B 124 9.21 -0.18 1.33
C LEU B 124 8.29 0.48 0.34
N GLN B 125 8.84 0.82 -0.82
CA GLN B 125 8.07 1.29 -1.96
C GLN B 125 8.53 0.55 -3.21
N LEU B 126 7.59 -0.05 -3.93
CA LEU B 126 7.86 -0.78 -5.16
C LEU B 126 7.29 -0.05 -6.36
N THR B 127 8.03 -0.05 -7.46
CA THR B 127 7.58 0.56 -8.71
C THR B 127 7.88 -0.38 -9.88
N PHE B 128 6.91 -0.56 -10.77
CA PHE B 128 6.99 -1.54 -11.84
C PHE B 128 6.92 -0.86 -13.18
N GLY B 129 7.76 -1.28 -14.13
CA GLY B 129 7.75 -0.68 -15.46
C GLY B 129 7.97 -1.66 -16.59
N GLU B 130 7.26 -1.44 -17.71
CA GLU B 130 7.50 -2.21 -18.92
C GLU B 130 8.77 -1.71 -19.61
N THR B 131 9.04 -0.41 -19.51
CA THR B 131 10.30 0.19 -19.95
C THR B 131 11.11 0.71 -18.77
N LEU B 132 12.39 0.93 -18.99
CA LEU B 132 13.22 1.49 -17.95
C LEU B 132 12.71 2.87 -17.54
N SER B 133 12.25 3.67 -18.50
CA SER B 133 11.80 5.03 -18.20
C SER B 133 10.69 5.07 -17.14
N GLU B 134 9.87 4.02 -17.05
CA GLU B 134 8.76 3.99 -16.08
C GLU B 134 9.17 3.85 -14.61
N VAL B 135 10.39 3.39 -14.35
CA VAL B 135 10.91 3.38 -12.98
C VAL B 135 11.94 4.50 -12.71
N CYS B 136 12.11 5.40 -13.67
CA CYS B 136 13.01 6.55 -13.52
C CYS B 136 12.31 7.90 -13.52
N GLU B 137 11.24 8.03 -14.28
CA GLU B 137 10.48 9.27 -14.31
C GLU B 137 9.47 9.16 -13.18
N PRO B 138 9.31 10.24 -12.40
CA PRO B 138 8.40 10.15 -11.26
C PRO B 138 6.93 10.17 -11.71
N PHE B 139 6.12 9.29 -11.12
CA PHE B 139 4.69 9.20 -11.43
C PHE B 139 3.95 10.46 -11.03
N SER B 140 4.46 11.17 -10.03
CA SER B 140 3.85 12.43 -9.59
C SER B 140 3.80 13.52 -10.68
N ASP B 141 4.53 13.35 -11.77
CA ASP B 141 4.49 14.33 -12.88
C ASP B 141 3.53 13.95 -14.01
N TYR B 142 2.87 12.80 -13.90
CA TYR B 142 1.92 12.38 -14.93
C TYR B 142 0.80 13.39 -15.07
N GLN B 143 0.55 13.84 -16.30
CA GLN B 143 -0.63 14.63 -16.64
C GLN B 143 -1.23 13.83 -17.75
N GLY B 144 -2.48 13.41 -17.64
CA GLY B 144 -3.08 12.71 -18.77
C GLY B 144 -4.52 12.50 -18.47
N TRP B 145 -5.29 12.13 -19.48
CA TRP B 145 -6.72 11.96 -19.31
C TRP B 145 -7.11 10.55 -18.89
N LEU B 146 -6.19 9.60 -18.98
CA LEU B 146 -6.42 8.31 -18.36
C LEU B 146 -6.09 8.41 -16.87
N SER B 147 -6.72 7.56 -16.09
CA SER B 147 -6.51 7.56 -14.65
C SER B 147 -5.06 7.20 -14.33
N SER B 148 -4.46 7.97 -13.42
CA SER B 148 -3.11 7.68 -12.94
C SER B 148 -3.02 6.37 -12.18
N SER B 149 -4.16 5.81 -11.79
CA SER B 149 -4.21 4.57 -11.05
C SER B 149 -3.70 3.36 -11.82
N TRP B 150 -3.62 3.48 -13.14
CA TRP B 150 -3.01 2.43 -13.96
C TRP B 150 -1.49 2.29 -13.75
N LEU B 151 -0.86 3.36 -13.27
CA LEU B 151 0.57 3.35 -13.01
C LEU B 151 0.87 2.44 -11.81
N GLN B 152 1.79 1.50 -12.01
CA GLN B 152 1.98 0.36 -11.12
C GLN B 152 3.00 0.61 -10.01
N GLN B 153 2.55 0.45 -8.78
CA GLN B 153 3.20 1.06 -7.63
C GLN B 153 2.59 0.47 -6.36
N GLN B 154 3.36 0.26 -5.30
CA GLN B 154 2.84 -0.35 -4.08
C GLN B 154 3.71 -0.06 -2.89
N ASP B 155 3.12 0.50 -1.84
CA ASP B 155 3.82 0.71 -0.58
C ASP B 155 3.54 -0.45 0.38
N LEU B 156 4.55 -0.85 1.14
CA LEU B 156 4.43 -1.95 2.10
C LEU B 156 4.99 -1.57 3.45
N TRP B 157 4.30 -1.97 4.51
CA TRP B 157 4.83 -1.86 5.86
C TRP B 157 4.90 -3.25 6.46
N LEU B 158 6.12 -3.75 6.65
CA LEU B 158 6.32 -5.06 7.26
C LEU B 158 6.51 -4.93 8.76
N ASP B 159 5.51 -5.33 9.54
CA ASP B 159 5.58 -5.27 11.00
C ASP B 159 6.53 -6.35 11.58
N VAL B 160 6.72 -7.46 10.86
CA VAL B 160 7.41 -8.62 11.40
C VAL B 160 8.40 -9.18 10.39
N LEU B 161 9.62 -9.46 10.86
CA LEU B 161 10.66 -10.07 10.04
C LEU B 161 11.14 -11.35 10.73
N PRO B 162 11.53 -12.39 10.01
CA PRO B 162 11.53 -12.44 8.55
C PRO B 162 10.13 -12.43 7.95
N ALA B 163 10.03 -12.10 6.67
CA ALA B 163 8.76 -11.94 5.99
C ALA B 163 8.74 -12.71 4.70
N GLU B 164 7.61 -13.34 4.40
CA GLU B 164 7.37 -13.97 3.11
C GLU B 164 6.21 -13.23 2.46
N ILE B 165 6.45 -12.57 1.34
CA ILE B 165 5.43 -11.70 0.73
C ILE B 165 5.00 -12.18 -0.66
N ASP B 166 3.68 -12.36 -0.83
CA ASP B 166 3.07 -12.64 -2.14
C ASP B 166 2.07 -11.55 -2.43
N LEU B 167 2.42 -10.60 -3.29
CA LEU B 167 1.52 -9.47 -3.58
C LEU B 167 0.30 -9.92 -4.36
N PRO B 168 -0.89 -9.45 -3.96
CA PRO B 168 -2.13 -9.93 -4.58
C PRO B 168 -2.45 -9.36 -5.98
N ARG B 169 -1.97 -8.16 -6.30
CA ARG B 169 -2.27 -7.55 -7.60
C ARG B 169 -1.40 -8.10 -8.73
N ARG B 170 -1.97 -8.20 -9.93
CA ARG B 170 -1.24 -8.66 -11.11
C ARG B 170 -0.52 -7.50 -11.77
N TYR B 171 0.80 -7.60 -11.94
CA TYR B 171 1.59 -6.53 -12.53
C TYR B 171 2.14 -6.97 -13.87
N CYS B 172 2.42 -6.00 -14.74
CA CYS B 172 2.98 -6.25 -16.06
C CYS B 172 4.25 -5.45 -16.16
N PHE B 173 5.39 -6.10 -16.24
CA PHE B 173 6.64 -5.37 -16.13
C PHE B 173 7.86 -6.12 -16.62
N ARG B 174 8.91 -5.36 -16.89
CA ARG B 174 10.24 -5.90 -16.99
C ARG B 174 11.16 -5.44 -15.82
N TYR B 175 11.06 -4.16 -15.45
CA TYR B 175 11.90 -3.60 -14.39
C TYR B 175 11.08 -3.40 -13.11
N LEU B 176 11.76 -3.58 -11.98
CA LEU B 176 11.18 -3.39 -10.65
C LEU B 176 12.11 -2.56 -9.79
N LYS B 177 11.65 -1.41 -9.36
CA LYS B 177 12.43 -0.59 -8.45
C LYS B 177 12.01 -0.89 -7.04
N VAL B 178 12.98 -1.10 -6.15
CA VAL B 178 12.72 -1.40 -4.75
C VAL B 178 13.45 -0.40 -3.89
N GLU B 179 12.68 0.33 -3.10
CA GLU B 179 13.21 1.42 -2.30
C GLU B 179 12.91 1.16 -0.83
N VAL B 180 13.93 1.24 0.01
CA VAL B 180 13.72 1.19 1.45
C VAL B 180 13.48 2.62 1.91
N LYS B 181 12.22 2.98 2.13
CA LYS B 181 11.85 4.32 2.55
C LYS B 181 12.24 4.61 3.99
N ALA B 182 12.04 3.63 4.86
CA ALA B 182 12.36 3.80 6.27
C ALA B 182 12.49 2.49 7.00
N VAL B 183 13.59 2.38 7.72
CA VAL B 183 13.78 1.45 8.83
C VAL B 183 14.46 2.32 9.91
N SER B 184 14.75 1.77 11.08
CA SER B 184 15.49 2.55 12.07
C SER B 184 16.98 2.35 11.86
N ARG B 185 17.79 3.14 12.56
CA ARG B 185 19.25 3.03 12.48
C ARG B 185 19.76 1.71 13.09
N LYS B 186 18.98 1.11 13.99
CA LYS B 186 19.37 -0.12 14.68
C LYS B 186 19.39 -1.39 13.83
N PHE B 187 18.78 -1.38 12.64
CA PHE B 187 18.78 -2.58 11.80
C PHE B 187 18.68 -2.30 10.30
N ARG B 188 19.03 -3.31 9.52
CA ARG B 188 19.05 -3.23 8.07
C ARG B 188 18.24 -4.35 7.46
N LEU B 189 17.81 -4.14 6.23
CA LEU B 189 16.96 -5.07 5.53
C LEU B 189 17.75 -5.83 4.46
N GLN B 190 17.41 -7.09 4.27
CA GLN B 190 18.19 -7.99 3.43
C GLN B 190 17.26 -8.94 2.69
N PHE B 191 17.22 -8.84 1.37
CA PHE B 191 16.36 -9.71 0.55
C PHE B 191 17.10 -11.00 0.27
N THR B 192 16.40 -12.13 0.35
CA THR B 192 17.02 -13.44 0.10
C THR B 192 16.48 -14.14 -1.14
N GLN B 193 15.34 -13.70 -1.67
CA GLN B 193 14.79 -14.31 -2.87
C GLN B 193 13.77 -13.38 -3.49
N ILE B 194 13.79 -13.28 -4.81
CA ILE B 194 12.80 -12.51 -5.54
C ILE B 194 12.43 -13.25 -6.80
N GLU B 195 11.14 -13.42 -7.05
CA GLU B 195 10.69 -14.05 -8.27
C GLU B 195 9.34 -13.51 -8.72
N VAL B 196 9.04 -13.72 -10.00
CA VAL B 196 7.72 -13.41 -10.55
C VAL B 196 7.05 -14.72 -10.98
N ASN B 197 5.78 -14.87 -10.58
CA ASN B 197 4.94 -15.98 -11.02
C ASN B 197 4.12 -15.54 -12.23
N ALA B 198 4.58 -15.93 -13.42
CA ALA B 198 3.98 -15.45 -14.67
C ALA B 198 2.77 -16.27 -15.08
N VAL B 199 1.75 -15.60 -15.64
CA VAL B 199 0.50 -16.23 -16.03
C VAL B 199 0.13 -15.96 -17.48
N THR B 200 -0.59 -16.92 -18.05
CA THR B 200 -1.07 -16.87 -19.42
C THR B 200 -2.00 -18.06 -19.61
N SER B 201 -2.90 -17.95 -20.58
CA SER B 201 -3.72 -19.08 -21.00
C SER B 201 -3.13 -19.71 -22.24
N ALA B 202 -2.03 -19.14 -22.76
CA ALA B 202 -1.37 -19.68 -23.93
C ALA B 202 -0.18 -20.54 -23.53
N SER B 203 -0.48 -21.64 -22.84
CA SER B 203 0.54 -22.53 -22.30
C SER B 203 0.69 -23.81 -23.12
N GLY B 204 0.00 -23.89 -24.25
CA GLY B 204 0.12 -25.03 -25.15
C GLY B 204 1.29 -24.89 -26.10
N ALA B 205 1.44 -25.87 -26.99
CA ALA B 205 2.49 -25.86 -28.02
C ALA B 205 2.27 -24.72 -29.02
N CYS B 206 3.35 -24.37 -29.72
CA CYS B 206 3.35 -23.27 -30.70
C CYS B 206 4.38 -23.53 -31.81
N PRO B 207 3.91 -23.97 -33.01
CA PRO B 207 4.87 -24.31 -34.08
C PRO B 207 5.91 -23.22 -34.38
N ALA B 208 7.13 -23.64 -34.70
CA ALA B 208 8.22 -22.71 -35.06
C ALA B 208 7.97 -22.12 -36.44
N ALA B 209 8.43 -20.89 -36.65
CA ALA B 209 8.29 -20.23 -37.94
C ALA B 209 9.28 -20.82 -38.95
N THR B 210 8.83 -20.94 -40.19
CA THR B 210 9.66 -21.48 -41.27
C THR B 210 10.70 -20.49 -41.77
N THR B 211 10.34 -19.20 -41.81
CA THR B 211 11.10 -18.16 -42.51
C THR B 211 12.63 -18.31 -42.41
N SER B 212 13.32 -18.27 -43.54
CA SER B 212 14.79 -18.33 -43.55
C SER B 212 15.42 -16.92 -43.47
N ASP B 213 14.60 -15.91 -43.20
CA ASP B 213 15.06 -14.54 -43.06
C ASP B 213 15.28 -14.22 -41.58
N PRO B 214 16.55 -14.01 -41.16
CA PRO B 214 16.81 -13.85 -39.72
C PRO B 214 16.09 -12.63 -39.09
N GLN B 215 15.87 -11.57 -39.86
CA GLN B 215 15.24 -10.38 -39.32
C GLN B 215 13.73 -10.55 -39.10
N LEU B 216 13.08 -11.30 -39.98
CA LEU B 216 11.67 -11.66 -39.79
C LEU B 216 11.48 -12.63 -38.64
N ARG B 217 12.45 -13.53 -38.44
CA ARG B 217 12.41 -14.46 -37.31
C ARG B 217 12.41 -13.70 -35.98
N ALA B 218 13.27 -12.70 -35.87
CA ALA B 218 13.38 -11.88 -34.66
C ALA B 218 12.09 -11.14 -34.38
N ILE B 219 11.46 -10.63 -35.42
CA ILE B 219 10.17 -9.94 -35.31
C ILE B 219 9.05 -10.91 -34.89
N ASP B 220 9.03 -12.09 -35.50
CA ASP B 220 8.07 -13.11 -35.13
C ASP B 220 8.19 -13.52 -33.65
N ASN B 221 9.42 -13.67 -33.15
CA ASN B 221 9.63 -14.02 -31.73
C ASN B 221 9.03 -12.98 -30.79
N VAL B 222 9.26 -11.72 -31.09
CA VAL B 222 8.70 -10.64 -30.29
C VAL B 222 7.17 -10.61 -30.38
N ALA B 223 6.65 -10.84 -31.57
CA ALA B 223 5.20 -10.87 -31.80
C ALA B 223 4.52 -11.96 -30.98
N VAL B 224 5.07 -13.17 -31.04
CA VAL B 224 4.49 -14.31 -30.34
C VAL B 224 4.45 -14.07 -28.83
N LEU B 225 5.51 -13.51 -28.26
CA LEU B 225 5.54 -13.21 -26.82
C LEU B 225 4.48 -12.18 -26.48
N THR B 226 4.30 -11.20 -27.37
CA THR B 226 3.28 -10.18 -27.22
C THR B 226 1.88 -10.78 -27.10
N LEU B 227 1.54 -11.68 -28.00
CA LEU B 227 0.25 -12.33 -27.97
C LEU B 227 0.11 -13.17 -26.70
N GLN B 228 1.16 -13.92 -26.37
CA GLN B 228 1.14 -14.80 -25.22
C GLN B 228 0.76 -14.07 -23.94
N ASN B 229 1.34 -12.90 -23.73
CA ASN B 229 1.08 -12.15 -22.50
C ASN B 229 -0.31 -11.49 -22.49
N CYS B 230 -0.85 -11.25 -23.67
CA CYS B 230 -2.19 -10.70 -23.80
C CYS B 230 -3.29 -11.77 -23.65
N MET B 231 -2.95 -13.03 -23.91
CA MET B 231 -3.91 -14.13 -23.77
C MET B 231 -4.02 -14.57 -22.32
N GLN B 232 -5.13 -14.18 -21.69
CA GLN B 232 -5.42 -14.47 -20.29
C GLN B 232 -6.80 -15.12 -20.19
N GLU B 233 -7.69 -14.63 -19.32
CA GLU B 233 -9.05 -15.17 -19.25
C GLU B 233 -9.92 -14.62 -20.39
N VAL B 234 -9.44 -13.54 -21.02
CA VAL B 234 -9.93 -13.07 -22.32
C VAL B 234 -8.72 -12.63 -23.12
N PHE B 235 -8.94 -12.24 -24.37
CA PHE B 235 -7.89 -11.59 -25.16
C PHE B 235 -7.75 -10.13 -24.69
N GLU B 236 -6.85 -9.86 -23.75
CA GLU B 236 -6.71 -8.51 -23.24
C GLU B 236 -6.01 -7.66 -24.30
N ASP B 237 -6.36 -6.38 -24.39
CA ASP B 237 -5.69 -5.47 -25.32
C ASP B 237 -4.24 -5.20 -24.89
N GLY B 238 -4.03 -4.93 -23.60
CA GLY B 238 -2.69 -4.77 -23.00
C GLY B 238 -2.69 -5.21 -21.53
N PRO B 239 -1.71 -6.02 -21.11
CA PRO B 239 -1.76 -6.56 -19.75
C PRO B 239 -1.51 -5.55 -18.62
N LYS B 240 -0.82 -4.45 -18.90
CA LYS B 240 -0.67 -3.38 -17.92
C LYS B 240 -1.95 -2.56 -17.89
N ARG B 241 -2.37 -2.19 -19.09
CA ARG B 241 -3.54 -1.36 -19.29
C ARG B 241 -4.02 -1.63 -20.74
N ASP B 242 -5.32 -1.86 -21.01
CA ASP B 242 -6.46 -1.73 -20.09
C ASP B 242 -6.88 -3.05 -19.46
N ARG B 243 -6.16 -4.13 -19.74
CA ARG B 243 -6.50 -5.47 -19.25
C ARG B 243 -7.91 -5.90 -19.64
N ARG B 244 -8.32 -5.57 -20.86
CA ARG B 244 -9.73 -5.64 -21.24
C ARG B 244 -9.95 -6.06 -22.70
N LEU B 245 -11.04 -6.77 -22.92
CA LEU B 245 -11.42 -7.25 -24.25
C LEU B 245 -12.07 -6.15 -25.10
N TRP B 246 -11.40 -5.75 -26.19
CA TRP B 246 -11.97 -4.82 -27.17
C TRP B 246 -12.13 -5.50 -28.53
N LEU B 247 -13.12 -5.08 -29.31
CA LEU B 247 -13.47 -5.82 -30.54
C LEU B 247 -12.46 -5.64 -31.66
N GLY B 248 -11.93 -4.44 -31.83
CA GLY B 248 -10.93 -4.19 -32.86
C GLY B 248 -9.67 -5.00 -32.60
N ASP B 249 -9.27 -5.04 -31.32
CA ASP B 249 -8.07 -5.77 -30.89
C ASP B 249 -8.29 -7.27 -31.07
N LEU B 250 -9.43 -7.77 -30.59
CA LEU B 250 -9.84 -9.16 -30.77
C LEU B 250 -9.71 -9.64 -32.21
N ARG B 251 -10.15 -8.82 -33.15
CA ARG B 251 -10.13 -9.20 -34.55
C ARG B 251 -8.73 -9.57 -35.02
N LEU B 252 -7.73 -8.78 -34.62
CA LEU B 252 -6.35 -9.01 -35.03
C LEU B 252 -5.72 -10.15 -34.23
N GLN B 253 -6.01 -10.18 -32.94
CA GLN B 253 -5.48 -11.24 -32.09
C GLN B 253 -5.94 -12.62 -32.54
N ALA B 254 -7.20 -12.73 -32.96
CA ALA B 254 -7.72 -14.01 -33.45
C ALA B 254 -6.97 -14.53 -34.69
N LEU B 255 -6.54 -13.63 -35.56
CA LEU B 255 -5.75 -14.03 -36.72
C LEU B 255 -4.42 -14.66 -36.33
N VAL B 256 -3.75 -14.04 -35.37
CA VAL B 256 -2.43 -14.51 -34.95
C VAL B 256 -2.57 -15.83 -34.18
N ASN B 257 -3.57 -15.90 -33.32
CA ASN B 257 -3.89 -17.12 -32.58
C ASN B 257 -4.03 -18.31 -33.51
N ASP B 258 -4.67 -18.07 -34.64
CA ASP B 258 -4.91 -19.08 -35.65
C ASP B 258 -3.68 -19.88 -36.07
N VAL B 259 -2.54 -19.20 -36.19
CA VAL B 259 -1.30 -19.82 -36.69
C VAL B 259 -0.24 -20.00 -35.62
N THR B 260 -0.58 -19.68 -34.37
CA THR B 260 0.33 -19.89 -33.25
C THR B 260 -0.28 -20.91 -32.29
N PHE B 261 -1.07 -20.44 -31.33
CA PHE B 261 -1.53 -21.30 -30.24
C PHE B 261 -2.83 -22.05 -30.52
N ALA B 262 -3.54 -21.64 -31.58
CA ALA B 262 -4.77 -22.32 -32.03
C ALA B 262 -5.80 -22.57 -30.92
N ARG B 263 -6.01 -21.58 -30.05
CA ARG B 263 -7.05 -21.65 -29.03
C ARG B 263 -8.34 -21.03 -29.54
N HIS B 264 -9.06 -21.81 -30.32
CA HIS B 264 -10.33 -21.39 -30.93
C HIS B 264 -11.43 -21.25 -29.88
N ASP B 265 -11.39 -22.07 -28.85
CA ASP B 265 -12.33 -21.96 -27.73
C ASP B 265 -12.33 -20.55 -27.12
N LEU B 266 -11.18 -19.89 -27.13
CA LEU B 266 -11.08 -18.56 -26.56
C LEU B 266 -11.66 -17.47 -27.48
N VAL B 267 -11.54 -17.66 -28.79
CA VAL B 267 -12.15 -16.75 -29.76
C VAL B 267 -13.66 -16.88 -29.67
N ARG B 268 -14.12 -18.11 -29.54
CA ARG B 268 -15.52 -18.40 -29.35
C ARG B 268 -16.08 -17.75 -28.11
N ARG B 269 -15.35 -17.86 -27.00
CA ARG B 269 -15.76 -17.26 -25.73
C ARG B 269 -15.95 -15.76 -25.90
N CYS B 270 -15.03 -15.14 -26.60
CA CYS B 270 -15.02 -13.70 -26.72
C CYS B 270 -16.12 -13.24 -27.68
N LEU B 271 -16.43 -14.05 -28.69
CA LEU B 271 -17.59 -13.77 -29.55
C LEU B 271 -18.90 -13.80 -28.76
N TYR B 272 -19.07 -14.79 -27.90
CA TYR B 272 -20.31 -14.92 -27.13
C TYR B 272 -20.44 -13.84 -26.06
N LEU B 273 -19.31 -13.30 -25.61
CA LEU B 273 -19.34 -12.22 -24.62
C LEU B 273 -19.93 -10.97 -25.24
N PHE B 274 -19.40 -10.56 -26.38
CA PHE B 274 -19.92 -9.38 -27.06
C PHE B 274 -21.38 -9.56 -27.45
N ALA B 275 -21.77 -10.77 -27.84
CA ALA B 275 -23.16 -11.06 -28.24
C ALA B 275 -24.12 -11.13 -27.06
N GLY B 276 -23.59 -11.48 -25.88
CA GLY B 276 -24.38 -11.78 -24.69
C GLY B 276 -24.87 -10.60 -23.88
N HIS B 277 -24.29 -9.43 -24.09
CA HIS B 277 -24.73 -8.23 -23.42
C HIS B 277 -24.56 -7.05 -24.36
N THR B 278 -25.68 -6.59 -24.92
CA THR B 278 -25.69 -5.56 -25.96
C THR B 278 -26.49 -4.34 -25.53
N ARG B 279 -26.45 -3.30 -26.36
CA ARG B 279 -27.37 -2.18 -26.22
C ARG B 279 -28.75 -2.71 -26.58
N GLU B 280 -29.81 -2.06 -26.10
CA GLU B 280 -31.16 -2.63 -26.24
C GLU B 280 -31.61 -2.73 -27.69
N ASP B 281 -31.15 -1.81 -28.54
CA ASP B 281 -31.42 -1.89 -29.97
C ASP B 281 -30.56 -2.95 -30.70
N GLY B 282 -29.73 -3.70 -29.97
CA GLY B 282 -28.96 -4.81 -30.52
C GLY B 282 -27.51 -4.54 -30.87
N MET B 283 -27.05 -3.29 -30.77
CA MET B 283 -25.65 -2.96 -31.08
C MET B 283 -24.67 -3.48 -30.02
N VAL B 284 -23.60 -4.12 -30.48
CA VAL B 284 -22.58 -4.63 -29.56
C VAL B 284 -21.69 -3.47 -29.10
N SER B 285 -21.17 -3.60 -27.88
CA SER B 285 -20.27 -2.61 -27.31
C SER B 285 -18.87 -2.71 -27.91
N ALA B 286 -18.08 -1.66 -27.71
CA ALA B 286 -16.72 -1.62 -28.21
C ALA B 286 -15.84 -2.53 -27.37
N ASN B 287 -16.17 -2.66 -26.09
CA ASN B 287 -15.42 -3.51 -25.16
C ASN B 287 -16.28 -4.09 -24.03
N VAL B 288 -15.79 -5.15 -23.40
CA VAL B 288 -16.53 -5.88 -22.38
C VAL B 288 -15.70 -6.07 -21.12
N PHE B 289 -16.31 -5.84 -19.96
CA PHE B 289 -15.70 -6.16 -18.68
C PHE B 289 -16.12 -7.57 -18.26
N VAL B 290 -15.29 -8.24 -17.48
CA VAL B 290 -15.64 -9.58 -16.95
C VAL B 290 -15.39 -9.70 -15.45
N GLN B 291 -15.28 -8.57 -14.77
CA GLN B 291 -15.16 -8.55 -13.31
C GLN B 291 -15.93 -7.35 -12.74
N PRO B 292 -16.73 -7.57 -11.69
CA PRO B 292 -16.93 -8.86 -11.04
C PRO B 292 -17.84 -9.82 -11.81
N ASP B 293 -18.57 -9.32 -12.80
CA ASP B 293 -19.40 -10.16 -13.64
C ASP B 293 -19.26 -9.59 -15.04
N VAL B 294 -19.96 -10.18 -16.02
CA VAL B 294 -19.91 -9.67 -17.39
C VAL B 294 -20.73 -8.38 -17.52
N ILE B 295 -20.06 -7.27 -17.77
CA ILE B 295 -20.73 -6.00 -18.09
C ILE B 295 -20.12 -5.43 -19.34
N ALA B 296 -20.96 -5.09 -20.30
CA ALA B 296 -20.52 -4.52 -21.56
C ALA B 296 -20.50 -3.02 -21.38
N ASP B 297 -19.52 -2.38 -21.98
CA ASP B 297 -19.29 -0.97 -21.76
C ASP B 297 -20.39 -0.15 -22.44
N ASP B 298 -20.57 1.08 -21.98
CA ASP B 298 -21.46 2.03 -22.65
C ASP B 298 -20.74 2.88 -23.71
N THR B 299 -19.78 2.27 -24.40
CA THR B 299 -19.02 2.92 -25.46
C THR B 299 -19.31 2.17 -26.75
N PHE B 300 -19.77 2.89 -27.78
CA PHE B 300 -20.20 2.26 -29.02
C PHE B 300 -19.51 2.87 -30.22
N LEU B 301 -18.85 2.03 -31.02
CA LEU B 301 -18.06 2.47 -32.18
C LEU B 301 -18.55 1.81 -33.49
N PHE B 302 -18.78 2.64 -34.51
CA PHE B 302 -19.25 2.19 -35.81
C PHE B 302 -18.41 1.03 -36.34
N ASP B 303 -17.09 1.17 -36.30
CA ASP B 303 -16.21 0.16 -36.90
C ASP B 303 -16.10 -1.12 -36.07
N TYR B 304 -15.92 -0.98 -34.76
CA TYR B 304 -15.81 -2.14 -33.86
C TYR B 304 -17.07 -2.99 -33.87
N SER B 305 -18.23 -2.35 -33.98
CA SER B 305 -19.49 -3.07 -34.09
C SER B 305 -19.48 -3.91 -35.36
N LEU B 306 -19.15 -3.29 -36.49
CA LEU B 306 -19.09 -4.02 -37.76
C LEU B 306 -18.06 -5.15 -37.76
N PHE B 307 -16.99 -5.00 -36.98
CA PHE B 307 -15.95 -6.02 -36.94
C PHE B 307 -16.42 -7.32 -36.32
N PHE B 308 -17.52 -7.28 -35.57
CA PHE B 308 -18.15 -8.51 -35.11
C PHE B 308 -18.36 -9.47 -36.29
N VAL B 309 -18.77 -8.92 -37.43
CA VAL B 309 -19.03 -9.72 -38.61
C VAL B 309 -17.75 -10.39 -39.08
N ASP B 310 -16.66 -9.64 -39.17
CA ASP B 310 -15.42 -10.19 -39.72
C ASP B 310 -14.81 -11.22 -38.76
N VAL B 311 -14.92 -10.98 -37.44
CA VAL B 311 -14.43 -11.95 -36.48
C VAL B 311 -15.19 -13.27 -36.58
N LEU B 312 -16.52 -13.19 -36.71
CA LEU B 312 -17.35 -14.38 -36.86
C LEU B 312 -17.00 -15.13 -38.16
N TYR B 313 -16.80 -14.39 -39.24
CA TYR B 313 -16.42 -15.00 -40.51
C TYR B 313 -15.06 -15.71 -40.41
N ASN B 314 -14.04 -15.04 -39.86
CA ASN B 314 -12.69 -15.64 -39.73
C ASN B 314 -12.69 -16.86 -38.80
N TYR B 315 -13.56 -16.81 -37.78
CA TYR B 315 -13.71 -17.91 -36.82
C TYR B 315 -14.31 -19.16 -37.48
N LEU B 316 -15.30 -18.94 -38.33
CA LEU B 316 -15.88 -20.03 -39.09
C LEU B 316 -14.84 -20.67 -40.02
N GLN B 317 -14.07 -19.86 -40.74
CA GLN B 317 -13.05 -20.36 -41.68
C GLN B 317 -11.98 -21.21 -41.00
N SER B 318 -11.55 -20.75 -39.85
CA SER B 318 -10.45 -21.38 -39.12
C SER B 318 -10.84 -22.54 -38.20
N ALA B 319 -11.96 -22.40 -37.48
CA ALA B 319 -12.43 -23.42 -36.54
C ALA B 319 -13.45 -24.40 -37.13
N GLU B 320 -14.16 -23.97 -38.18
CA GLU B 320 -15.16 -24.80 -38.88
C GLU B 320 -16.34 -25.21 -37.97
N ASP B 321 -16.82 -24.24 -37.19
CA ASP B 321 -17.85 -24.44 -36.19
C ASP B 321 -19.15 -23.80 -36.69
N MET B 322 -19.92 -24.56 -37.44
CA MET B 322 -21.17 -24.05 -38.02
C MET B 322 -22.22 -23.74 -36.95
N ALA B 323 -22.26 -24.52 -35.88
CA ALA B 323 -23.23 -24.32 -34.80
C ALA B 323 -23.14 -22.91 -34.22
N THR B 324 -21.91 -22.48 -33.92
CA THR B 324 -21.68 -21.16 -33.31
C THR B 324 -22.01 -20.06 -34.30
N ALA B 325 -21.58 -20.25 -35.55
CA ALA B 325 -21.79 -19.24 -36.56
C ALA B 325 -23.27 -19.06 -36.87
N ARG B 326 -24.03 -20.15 -36.89
CA ARG B 326 -25.48 -20.07 -37.07
C ARG B 326 -26.17 -19.39 -35.88
N GLU B 327 -25.73 -19.71 -34.67
CA GLU B 327 -26.36 -19.13 -33.48
C GLU B 327 -26.11 -17.61 -33.39
N LEU B 328 -24.91 -17.17 -33.77
CA LEU B 328 -24.51 -15.77 -33.63
C LEU B 328 -24.72 -14.91 -34.86
N TRP B 329 -25.18 -15.52 -35.96
CA TRP B 329 -25.44 -14.77 -37.20
C TRP B 329 -26.40 -13.58 -37.01
N PRO B 330 -27.55 -13.80 -36.33
CA PRO B 330 -28.43 -12.66 -36.08
C PRO B 330 -27.75 -11.45 -35.42
N THR B 331 -26.82 -11.69 -34.48
CA THR B 331 -26.06 -10.60 -33.90
C THR B 331 -25.27 -9.86 -35.02
N ALA B 332 -24.56 -10.63 -35.86
CA ALA B 332 -23.77 -10.06 -36.95
C ALA B 332 -24.64 -9.25 -37.90
N ARG B 333 -25.74 -9.86 -38.34
CA ARG B 333 -26.69 -9.21 -39.23
C ARG B 333 -27.20 -7.88 -38.68
N ARG B 334 -27.47 -7.84 -37.39
CA ARG B 334 -27.99 -6.63 -36.75
C ARG B 334 -26.98 -5.49 -36.78
N GLN B 335 -25.69 -5.81 -36.72
CA GLN B 335 -24.66 -4.78 -36.75
C GLN B 335 -24.67 -4.10 -38.11
N VAL B 336 -24.93 -4.88 -39.15
CA VAL B 336 -25.06 -4.35 -40.51
C VAL B 336 -26.33 -3.51 -40.69
N GLU B 337 -27.47 -4.00 -40.20
CA GLU B 337 -28.74 -3.23 -40.28
C GLU B 337 -28.49 -1.84 -39.72
N LEU B 338 -27.90 -1.78 -38.53
CA LEU B 338 -27.68 -0.51 -37.83
C LEU B 338 -26.67 0.36 -38.53
N ALA B 339 -25.55 -0.21 -38.95
CA ALA B 339 -24.55 0.56 -39.67
C ALA B 339 -25.12 1.21 -40.94
N LEU B 340 -25.92 0.47 -41.71
CA LEU B 340 -26.46 0.98 -42.97
C LEU B 340 -27.36 2.21 -42.79
N THR B 341 -27.90 2.43 -41.59
CA THR B 341 -28.72 3.62 -41.32
C THR B 341 -27.89 4.91 -41.28
N ARG B 342 -26.56 4.79 -41.19
CA ARG B 342 -25.74 6.00 -41.23
C ARG B 342 -25.49 6.53 -42.64
N CYS B 343 -25.91 5.81 -43.67
CA CYS B 343 -25.76 6.28 -45.04
C CYS B 343 -26.85 7.24 -45.42
N ASP B 344 -26.52 8.27 -46.19
CA ASP B 344 -27.52 9.18 -46.77
C ASP B 344 -28.23 8.49 -47.95
N ALA B 345 -29.13 9.22 -48.60
CA ALA B 345 -29.88 8.68 -49.75
C ALA B 345 -28.95 8.09 -50.81
N SER B 346 -27.90 8.83 -51.16
CA SER B 346 -26.94 8.42 -52.22
C SER B 346 -26.00 7.26 -51.84
N GLY B 347 -25.98 6.85 -50.58
CA GLY B 347 -25.16 5.72 -50.15
C GLY B 347 -23.80 6.06 -49.57
N VAL B 348 -23.58 7.31 -49.17
CA VAL B 348 -22.35 7.72 -48.48
C VAL B 348 -22.61 7.88 -47.00
N VAL B 349 -21.70 7.38 -46.17
CA VAL B 349 -21.77 7.50 -44.71
C VAL B 349 -21.66 8.95 -44.25
N ARG B 350 -22.58 9.39 -43.41
CA ARG B 350 -22.56 10.75 -42.85
C ARG B 350 -21.37 10.97 -41.93
N ASP B 351 -20.80 12.17 -41.98
CA ASP B 351 -19.65 12.51 -41.13
C ASP B 351 -20.10 13.30 -39.91
N SER B 352 -19.34 13.21 -38.82
CA SER B 352 -19.52 14.10 -37.67
C SER B 352 -18.24 14.14 -36.81
N ASP B 353 -18.16 15.12 -35.92
CA ASP B 353 -16.93 15.38 -35.15
C ASP B 353 -16.81 14.57 -33.84
N ASP B 354 -17.91 13.97 -33.37
CA ASP B 354 -17.85 13.12 -32.18
C ASP B 354 -17.05 11.84 -32.47
N TRP B 355 -16.81 11.04 -31.44
CA TRP B 355 -15.98 9.82 -31.54
C TRP B 355 -16.87 8.62 -31.88
N TRP B 356 -17.40 8.63 -33.11
CA TRP B 356 -18.42 7.66 -33.53
C TRP B 356 -17.82 6.43 -34.18
N VAL B 357 -16.55 6.53 -34.59
CA VAL B 357 -15.79 5.45 -35.22
C VAL B 357 -14.32 5.60 -34.80
N PHE B 358 -13.58 4.50 -34.68
CA PHE B 358 -12.20 4.59 -34.18
C PHE B 358 -11.13 4.79 -35.26
N ILE B 359 -10.85 3.75 -36.04
CA ILE B 359 -9.87 3.79 -37.14
C ILE B 359 -8.40 3.87 -36.71
N ASP B 360 -8.02 4.90 -35.94
CA ASP B 360 -6.64 5.06 -35.43
C ASP B 360 -6.61 6.05 -34.29
N TRP B 361 -5.54 6.09 -33.51
CA TRP B 361 -5.33 7.13 -32.52
C TRP B 361 -4.68 8.36 -33.17
N GLN B 362 -5.52 9.14 -33.84
CA GLN B 362 -5.08 10.29 -34.61
C GLN B 362 -6.14 11.39 -34.54
N ALA B 363 -5.99 12.27 -33.58
CA ALA B 363 -6.99 13.29 -33.32
C ALA B 363 -7.36 14.16 -34.54
N SER B 364 -6.43 14.32 -35.48
CA SER B 364 -6.68 15.17 -36.62
C SER B 364 -7.32 14.44 -37.81
N LEU B 365 -7.68 13.17 -37.64
CA LEU B 365 -8.14 12.38 -38.78
C LEU B 365 -9.64 12.57 -39.01
N ASN B 366 -10.01 13.03 -40.20
CA ASN B 366 -11.40 12.92 -40.63
C ASN B 366 -11.72 11.50 -41.05
N LYS B 367 -12.78 10.92 -40.46
CA LYS B 367 -12.98 9.48 -40.52
C LYS B 367 -13.99 8.97 -41.54
N GLN B 368 -14.60 9.87 -42.31
CA GLN B 368 -15.68 9.51 -43.20
C GLN B 368 -15.29 8.45 -44.23
N ALA B 369 -14.22 8.69 -44.97
CA ALA B 369 -13.83 7.79 -46.04
C ALA B 369 -13.39 6.41 -45.53
N ALA B 370 -12.61 6.40 -44.44
CA ALA B 370 -12.21 5.15 -43.82
C ALA B 370 -13.42 4.35 -43.33
N ALA B 371 -14.38 5.03 -42.71
CA ALA B 371 -15.61 4.39 -42.27
C ALA B 371 -16.40 3.79 -43.45
N GLN B 372 -16.47 4.51 -44.57
CA GLN B 372 -17.12 3.99 -45.77
C GLN B 372 -16.46 2.67 -46.19
N GLY B 373 -15.14 2.63 -46.14
CA GLY B 373 -14.39 1.43 -46.49
C GLY B 373 -14.62 0.29 -45.51
N VAL B 374 -14.72 0.59 -44.22
CA VAL B 374 -14.97 -0.46 -43.24
C VAL B 374 -16.35 -1.07 -43.47
N LEU B 375 -17.32 -0.24 -43.79
CA LEU B 375 -18.67 -0.70 -44.06
C LEU B 375 -18.69 -1.65 -45.25
N ILE B 376 -18.04 -1.26 -46.33
CA ILE B 376 -17.98 -2.08 -47.54
C ILE B 376 -17.21 -3.39 -47.31
N TYR B 377 -16.13 -3.30 -46.55
CA TYR B 377 -15.33 -4.47 -46.20
C TYR B 377 -16.16 -5.49 -45.41
N CYS B 378 -16.92 -5.01 -44.43
CA CYS B 378 -17.68 -5.88 -43.55
C CYS B 378 -19.00 -6.37 -44.17
N LEU B 379 -19.60 -5.54 -45.01
CA LEU B 379 -20.75 -5.98 -45.77
C LEU B 379 -20.40 -7.19 -46.64
N GLN B 380 -19.24 -7.15 -47.30
CA GLN B 380 -18.75 -8.26 -48.11
C GLN B 380 -18.72 -9.57 -47.32
N ARG B 381 -18.25 -9.51 -46.07
CA ARG B 381 -18.22 -10.71 -45.22
C ARG B 381 -19.61 -11.10 -44.75
N ALA B 382 -20.48 -10.13 -44.50
CA ALA B 382 -21.89 -10.41 -44.20
C ALA B 382 -22.58 -11.16 -45.34
N ILE B 383 -22.17 -10.90 -46.58
CA ILE B 383 -22.70 -11.61 -47.72
C ILE B 383 -22.25 -13.07 -47.70
N TRP B 384 -20.98 -13.30 -47.44
CA TRP B 384 -20.46 -14.66 -47.41
C TRP B 384 -21.15 -15.48 -46.33
N LEU B 385 -21.43 -14.84 -45.20
CA LEU B 385 -22.16 -15.49 -44.12
C LEU B 385 -23.64 -15.70 -44.49
N ALA B 386 -24.25 -14.68 -45.06
CA ALA B 386 -25.64 -14.77 -45.48
C ALA B 386 -25.86 -15.91 -46.47
N GLU B 387 -24.93 -16.12 -47.40
CA GLU B 387 -25.04 -17.23 -48.37
C GLU B 387 -25.30 -18.57 -47.68
N ARG B 388 -24.73 -18.76 -46.48
CA ARG B 388 -24.92 -20.00 -45.72
C ARG B 388 -26.18 -20.02 -44.85
N PHE B 389 -26.45 -18.92 -44.15
CA PHE B 389 -27.51 -18.92 -43.12
C PHE B 389 -28.79 -18.17 -43.48
N GLU B 390 -28.76 -17.37 -44.55
CA GLU B 390 -29.91 -16.58 -44.97
C GLU B 390 -29.75 -16.14 -46.43
N PRO B 391 -29.81 -17.10 -47.37
CA PRO B 391 -29.50 -16.84 -48.79
C PRO B 391 -30.29 -15.69 -49.41
N GLU B 392 -31.56 -15.54 -49.02
CA GLU B 392 -32.46 -14.53 -49.62
C GLU B 392 -31.97 -13.10 -49.35
N LEU B 393 -31.29 -12.91 -48.23
CA LEU B 393 -30.78 -11.62 -47.83
C LEU B 393 -29.49 -11.25 -48.56
N ALA B 394 -28.68 -12.26 -48.93
CA ALA B 394 -27.47 -12.02 -49.71
C ALA B 394 -27.77 -11.31 -51.03
N VAL B 395 -28.92 -11.61 -51.63
CA VAL B 395 -29.28 -10.98 -52.90
C VAL B 395 -29.31 -9.46 -52.76
N SER B 396 -30.00 -8.96 -51.73
CA SER B 396 -30.13 -7.50 -51.53
C SER B 396 -28.84 -6.88 -50.98
N TYR B 397 -28.14 -7.59 -50.12
CA TYR B 397 -26.81 -7.16 -49.69
C TYR B 397 -25.83 -6.98 -50.89
N ARG B 398 -25.91 -7.84 -51.90
CA ARG B 398 -25.04 -7.69 -53.08
C ARG B 398 -25.33 -6.43 -53.87
N GLN B 399 -26.60 -6.07 -53.96
CA GLN B 399 -27.00 -4.82 -54.63
C GLN B 399 -26.53 -3.63 -53.83
N ARG B 400 -26.63 -3.73 -52.52
CA ARG B 400 -26.22 -2.66 -51.64
C ARG B 400 -24.71 -2.43 -51.68
N LEU B 401 -23.96 -3.52 -51.75
CA LEU B 401 -22.49 -3.44 -51.88
C LEU B 401 -22.10 -2.62 -53.10
N GLN B 402 -22.82 -2.84 -54.19
CA GLN B 402 -22.58 -2.12 -55.43
C GLN B 402 -22.89 -0.63 -55.31
N GLN B 403 -24.00 -0.28 -54.66
CA GLN B 403 -24.34 1.11 -54.41
C GLN B 403 -23.25 1.81 -53.63
N LEU B 404 -22.77 1.19 -52.55
CA LEU B 404 -21.78 1.79 -51.68
C LEU B 404 -20.45 2.01 -52.38
N LYS B 405 -20.00 1.00 -53.13
CA LYS B 405 -18.78 1.14 -53.92
C LYS B 405 -18.90 2.27 -54.94
N SER B 406 -20.01 2.32 -55.68
CA SER B 406 -20.24 3.41 -56.64
C SER B 406 -20.25 4.77 -55.98
N ALA B 407 -20.97 4.87 -54.86
CA ALA B 407 -21.08 6.11 -54.15
C ALA B 407 -19.71 6.58 -53.64
N ALA B 408 -18.87 5.62 -53.25
CA ALA B 408 -17.52 5.93 -52.81
C ALA B 408 -16.71 6.58 -53.94
N LEU B 409 -16.74 5.96 -55.12
CA LEU B 409 -16.11 6.53 -56.30
C LEU B 409 -16.64 7.91 -56.66
N ASP B 410 -17.96 8.08 -56.70
CA ASP B 410 -18.53 9.37 -57.12
C ASP B 410 -18.23 10.51 -56.17
N ALA B 411 -18.40 10.27 -54.88
CA ALA B 411 -18.31 11.34 -53.90
C ALA B 411 -16.91 11.52 -53.35
N LEU B 412 -16.11 10.45 -53.27
CA LEU B 412 -14.82 10.50 -52.58
C LEU B 412 -13.55 10.48 -53.44
N TRP B 413 -13.60 9.90 -54.64
CA TRP B 413 -12.40 9.78 -55.46
C TRP B 413 -12.04 11.14 -56.09
N ASP B 414 -10.76 11.52 -56.00
CA ASP B 414 -10.24 12.71 -56.66
C ASP B 414 -9.13 12.33 -57.65
N PRO B 415 -9.48 12.25 -58.96
CA PRO B 415 -8.59 11.85 -60.05
C PRO B 415 -7.32 12.68 -60.16
N GLN B 416 -7.42 13.97 -59.85
CA GLN B 416 -6.29 14.89 -59.99
C GLN B 416 -5.20 14.56 -58.97
N GLN B 417 -5.62 14.16 -57.77
CA GLN B 417 -4.69 13.80 -56.71
C GLN B 417 -4.35 12.31 -56.67
N GLY B 418 -5.20 11.47 -57.26
CA GLY B 418 -5.03 10.03 -57.23
C GLY B 418 -5.28 9.40 -55.87
N PHE B 419 -6.11 10.07 -55.05
CA PHE B 419 -6.43 9.62 -53.68
C PHE B 419 -7.92 9.86 -53.41
N TYR B 420 -8.45 9.18 -52.41
CA TYR B 420 -9.78 9.49 -51.90
C TYR B 420 -9.71 10.64 -50.88
N VAL B 421 -10.69 11.54 -50.93
CA VAL B 421 -10.81 12.62 -49.96
C VAL B 421 -11.88 12.27 -48.91
N SER B 422 -11.84 12.95 -47.77
CA SER B 422 -12.72 12.63 -46.65
C SER B 422 -13.22 13.92 -45.97
N GLY B 423 -14.52 13.99 -45.74
CA GLY B 423 -15.13 15.12 -45.07
C GLY B 423 -15.33 16.37 -45.94
N ALA B 424 -16.05 17.33 -45.38
CA ALA B 424 -16.34 18.58 -46.07
C ALA B 424 -15.09 19.35 -46.48
N ARG B 425 -13.99 19.21 -45.74
CA ARG B 425 -12.74 19.90 -46.12
C ARG B 425 -11.81 19.07 -46.99
N ARG B 426 -12.30 17.94 -47.49
CA ARG B 426 -11.61 17.13 -48.50
C ARG B 426 -10.21 16.78 -48.09
N GLN B 427 -10.08 16.28 -46.86
CA GLN B 427 -8.81 15.87 -46.27
C GLN B 427 -8.28 14.60 -46.93
N VAL B 428 -6.96 14.56 -47.11
CA VAL B 428 -6.26 13.40 -47.64
C VAL B 428 -5.46 12.70 -46.53
N SER B 429 -5.85 11.48 -46.18
CA SER B 429 -5.18 10.72 -45.12
C SER B 429 -4.67 9.39 -45.63
N TRP B 430 -3.78 8.75 -44.87
CA TRP B 430 -3.37 7.37 -45.17
C TRP B 430 -4.53 6.41 -44.94
N ALA B 431 -5.29 6.64 -43.88
CA ALA B 431 -6.34 5.72 -43.48
C ALA B 431 -7.41 5.54 -44.58
N SER B 432 -7.85 6.65 -45.15
CA SER B 432 -8.84 6.63 -46.23
C SER B 432 -8.43 5.69 -47.35
N GLN B 433 -7.17 5.79 -47.77
CA GLN B 433 -6.67 5.03 -48.91
C GLN B 433 -6.62 3.56 -48.55
N ILE B 434 -6.11 3.27 -47.36
CA ILE B 434 -5.91 1.90 -46.92
C ILE B 434 -7.24 1.15 -46.89
N TRP B 435 -8.24 1.77 -46.27
CA TRP B 435 -9.52 1.11 -46.06
C TRP B 435 -10.35 0.97 -47.33
N LEU B 436 -10.30 1.97 -48.20
CA LEU B 436 -11.04 1.87 -49.47
C LEU B 436 -10.35 0.94 -50.48
N VAL B 437 -9.05 0.70 -50.31
CA VAL B 437 -8.37 -0.34 -51.08
C VAL B 437 -8.74 -1.74 -50.54
N LEU B 438 -8.83 -1.89 -49.23
CA LEU B 438 -9.24 -3.17 -48.65
C LEU B 438 -10.70 -3.52 -49.00
N ALA B 439 -11.50 -2.47 -49.14
CA ALA B 439 -12.90 -2.61 -49.52
C ALA B 439 -13.12 -3.05 -50.98
N GLU B 440 -12.04 -3.00 -51.77
CA GLU B 440 -12.05 -3.40 -53.18
C GLU B 440 -12.96 -2.51 -54.03
N VAL B 441 -12.93 -1.21 -53.74
CA VAL B 441 -13.59 -0.22 -54.57
C VAL B 441 -12.73 0.00 -55.81
N GLY B 442 -13.36 0.20 -56.97
CA GLY B 442 -12.62 0.46 -58.20
C GLY B 442 -12.02 -0.78 -58.84
N THR B 443 -10.93 -0.62 -59.59
CA THR B 443 -10.29 -1.75 -60.28
C THR B 443 -9.00 -2.16 -59.60
N PRO B 444 -8.55 -3.40 -59.83
CA PRO B 444 -7.28 -3.86 -59.26
C PRO B 444 -6.09 -2.96 -59.60
N GLN B 445 -6.02 -2.45 -60.84
CA GLN B 445 -4.94 -1.56 -61.23
C GLN B 445 -5.06 -0.21 -60.58
N GLN B 446 -6.28 0.28 -60.39
CA GLN B 446 -6.47 1.57 -59.74
C GLN B 446 -5.92 1.46 -58.32
N ARG B 447 -6.22 0.34 -57.68
CA ARG B 447 -5.81 0.07 -56.30
C ARG B 447 -4.30 -0.10 -56.15
N ARG B 448 -3.67 -0.77 -57.08
CA ARG B 448 -2.23 -0.87 -57.09
C ARG B 448 -1.58 0.50 -57.30
N GLU B 449 -2.11 1.30 -58.24
CA GLU B 449 -1.65 2.68 -58.41
C GLU B 449 -1.82 3.57 -57.16
N ILE B 450 -2.84 3.33 -56.35
CA ILE B 450 -2.99 4.06 -55.08
C ILE B 450 -1.87 3.73 -54.07
N MET B 451 -1.49 2.46 -53.99
CA MET B 451 -0.45 2.05 -53.05
C MET B 451 0.91 2.60 -53.49
N ARG B 452 1.14 2.66 -54.79
CA ARG B 452 2.33 3.34 -55.33
C ARG B 452 2.32 4.83 -55.03
N ASN B 453 1.12 5.40 -55.02
CA ASN B 453 0.97 6.83 -54.80
C ASN B 453 1.28 7.21 -53.36
N LEU B 454 0.99 6.30 -52.42
CA LEU B 454 1.38 6.52 -51.02
C LEU B 454 2.90 6.68 -50.92
N GLU B 455 3.64 6.01 -51.79
CA GLU B 455 5.10 6.24 -51.91
C GLU B 455 5.51 7.64 -52.44
N LYS B 456 4.83 8.12 -53.49
CA LYS B 456 5.25 9.32 -54.23
C LYS B 456 4.69 10.63 -53.69
N ASN B 457 3.50 10.60 -53.10
CA ASN B 457 2.89 11.80 -52.49
C ASN B 457 2.27 11.45 -51.16
N PRO B 458 3.10 11.11 -50.17
CA PRO B 458 2.55 10.63 -48.91
C PRO B 458 1.54 11.64 -48.37
N PRO B 459 0.33 11.17 -48.04
CA PRO B 459 -0.67 12.01 -47.43
C PRO B 459 -0.23 12.65 -46.14
N ALA B 460 -0.84 13.80 -45.84
CA ALA B 460 -0.42 14.62 -44.71
C ALA B 460 -0.74 14.00 -43.35
N VAL B 461 -1.86 13.29 -43.27
CA VAL B 461 -2.30 12.73 -42.00
C VAL B 461 -1.80 11.30 -41.86
N ALA B 462 -0.81 11.12 -41.00
CA ALA B 462 -0.05 9.88 -40.93
C ALA B 462 -0.68 8.84 -40.03
N MET B 463 -0.14 7.63 -40.07
CA MET B 463 -0.54 6.54 -39.19
C MET B 463 0.21 6.61 -37.84
N ASN B 464 -0.50 6.37 -36.74
CA ASN B 464 0.10 6.43 -35.40
C ASN B 464 0.23 5.10 -34.66
N THR B 465 -0.31 4.02 -35.20
CA THR B 465 -0.32 2.75 -34.47
C THR B 465 0.03 1.57 -35.34
N PRO B 466 0.63 0.53 -34.75
CA PRO B 466 0.78 -0.68 -35.54
C PRO B 466 -0.57 -1.32 -35.92
N TYR B 467 -1.65 -0.95 -35.23
CA TYR B 467 -3.00 -1.36 -35.61
C TYR B 467 -3.35 -0.92 -37.04
N LEU B 468 -3.17 0.36 -37.33
CA LEU B 468 -3.44 0.86 -38.68
C LEU B 468 -2.40 0.36 -39.68
N ARG B 469 -1.17 0.20 -39.22
CA ARG B 469 -0.12 -0.29 -40.10
C ARG B 469 -0.40 -1.70 -40.56
N HIS B 470 -1.01 -2.50 -39.70
CA HIS B 470 -1.42 -3.85 -40.08
C HIS B 470 -2.22 -3.84 -41.37
N HIS B 471 -3.13 -2.87 -41.46
CA HIS B 471 -4.02 -2.78 -42.62
C HIS B 471 -3.28 -2.30 -43.86
N TYR B 472 -2.31 -1.41 -43.67
CA TYR B 472 -1.41 -1.01 -44.74
C TYR B 472 -0.69 -2.21 -45.36
N ILE B 473 -0.20 -3.11 -44.50
CA ILE B 473 0.46 -4.32 -44.95
C ILE B 473 -0.50 -5.22 -45.73
N ALA B 474 -1.72 -5.38 -45.19
CA ALA B 474 -2.72 -6.21 -45.83
C ALA B 474 -3.07 -5.67 -47.22
N ALA B 475 -3.18 -4.36 -47.33
CA ALA B 475 -3.47 -3.71 -48.61
C ALA B 475 -2.35 -3.92 -49.61
N LEU B 476 -1.11 -3.83 -49.16
CA LEU B 476 0.03 -4.10 -50.04
C LEU B 476 -0.05 -5.52 -50.61
N LEU B 477 -0.26 -6.50 -49.72
CA LEU B 477 -0.35 -7.91 -50.15
C LEU B 477 -1.51 -8.16 -51.11
N GLN B 478 -2.67 -7.58 -50.81
CA GLN B 478 -3.85 -7.73 -51.65
C GLN B 478 -3.62 -7.23 -53.09
N CYS B 479 -2.77 -6.22 -53.25
CA CYS B 479 -2.46 -5.68 -54.58
C CYS B 479 -1.24 -6.36 -55.20
N GLY B 480 -0.75 -7.44 -54.58
CA GLY B 480 0.37 -8.20 -55.11
C GLY B 480 1.71 -7.53 -54.95
N LEU B 481 1.80 -6.57 -54.03
CA LEU B 481 3.06 -5.86 -53.75
C LEU B 481 3.79 -6.53 -52.59
N ARG B 482 4.26 -7.76 -52.84
CA ARG B 482 4.77 -8.65 -51.80
C ARG B 482 6.12 -8.21 -51.25
N ASP B 483 7.05 -7.87 -52.14
CA ASP B 483 8.37 -7.36 -51.72
C ASP B 483 8.27 -6.08 -50.89
N GLU B 484 7.34 -5.20 -51.27
CA GLU B 484 7.10 -3.93 -50.58
C GLU B 484 6.51 -4.17 -49.19
N ALA B 485 5.68 -5.21 -49.03
CA ALA B 485 5.12 -5.60 -47.73
C ALA B 485 6.18 -6.16 -46.78
N ILE B 486 7.12 -6.94 -47.31
CA ILE B 486 8.22 -7.45 -46.51
C ILE B 486 9.09 -6.30 -46.02
N ALA B 487 9.50 -5.42 -46.94
CA ALA B 487 10.34 -4.26 -46.58
C ALA B 487 9.69 -3.36 -45.51
N GLN B 488 8.37 -3.26 -45.57
CA GLN B 488 7.61 -2.44 -44.64
C GLN B 488 7.44 -3.04 -43.24
N ILE B 489 7.34 -4.36 -43.17
CA ILE B 489 7.34 -5.04 -41.88
C ILE B 489 8.69 -4.81 -41.21
N LYS B 490 9.75 -4.99 -41.98
CA LYS B 490 11.12 -4.83 -41.46
C LYS B 490 11.43 -3.40 -41.01
N ALA B 491 10.99 -2.41 -41.79
CA ALA B 491 11.27 -1.02 -41.49
C ALA B 491 10.57 -0.55 -40.22
N TYR B 492 9.30 -0.91 -40.08
CA TYR B 492 8.47 -0.46 -38.96
C TYR B 492 8.66 -1.32 -37.70
N TRP B 493 8.26 -2.59 -37.75
CA TRP B 493 8.41 -3.48 -36.58
C TRP B 493 9.86 -3.78 -36.25
N GLY B 494 10.73 -3.84 -37.25
CA GLY B 494 12.16 -3.99 -37.03
C GLY B 494 12.77 -2.83 -36.26
N ALA B 495 12.19 -1.64 -36.42
CA ALA B 495 12.63 -0.46 -35.66
C ALA B 495 12.37 -0.65 -34.17
N MET B 496 11.20 -1.17 -33.82
CA MET B 496 10.88 -1.44 -32.43
C MET B 496 11.82 -2.50 -31.86
N VAL B 497 12.11 -3.54 -32.64
CA VAL B 497 13.04 -4.57 -32.20
C VAL B 497 14.42 -3.95 -31.98
N ASP B 498 14.91 -3.17 -32.96
CA ASP B 498 16.24 -2.53 -32.87
C ASP B 498 16.34 -1.59 -31.66
N TYR B 499 15.24 -0.94 -31.29
CA TYR B 499 15.17 -0.11 -30.08
C TYR B 499 15.26 -0.93 -28.78
N GLY B 500 15.05 -2.25 -28.87
CA GLY B 500 15.21 -3.16 -27.74
C GLY B 500 13.91 -3.70 -27.16
N ALA B 501 12.82 -3.66 -27.91
CA ALA B 501 11.51 -4.08 -27.41
C ALA B 501 11.43 -5.60 -27.20
N ASP B 502 10.86 -6.02 -26.08
CA ASP B 502 10.59 -7.45 -25.84
C ASP B 502 9.23 -7.82 -26.40
N THR B 503 8.34 -6.84 -26.43
CA THR B 503 6.97 -6.99 -26.93
C THR B 503 6.62 -5.75 -27.74
N PHE B 504 5.70 -5.88 -28.69
CA PHE B 504 5.34 -4.74 -29.53
C PHE B 504 4.35 -3.77 -28.87
N TRP B 505 4.46 -2.50 -29.27
CA TRP B 505 3.85 -1.41 -28.53
C TRP B 505 2.47 -1.06 -29.03
N GLU B 506 1.65 -0.51 -28.14
CA GLU B 506 0.33 0.00 -28.52
C GLU B 506 0.43 1.15 -29.51
N ILE B 507 1.32 2.10 -29.22
CA ILE B 507 1.49 3.32 -30.01
C ILE B 507 2.89 3.38 -30.61
N PHE B 508 2.99 3.70 -31.91
CA PHE B 508 4.31 3.94 -32.52
C PHE B 508 4.26 4.74 -33.84
N ASP B 509 4.66 6.01 -33.74
CA ASP B 509 4.90 6.86 -34.87
C ASP B 509 6.41 7.09 -34.94
N PRO B 510 7.10 6.46 -35.90
CA PRO B 510 8.56 6.59 -36.04
C PRO B 510 9.08 8.02 -35.99
N ALA B 511 8.34 8.97 -36.58
CA ALA B 511 8.73 10.38 -36.59
C ALA B 511 8.59 11.07 -35.23
N HIS B 512 7.75 10.54 -34.33
CA HIS B 512 7.58 11.07 -32.95
C HIS B 512 7.53 9.93 -31.95
N PRO B 513 8.69 9.43 -31.51
CA PRO B 513 8.61 8.20 -30.73
C PRO B 513 8.05 8.44 -29.31
N ASP B 514 8.06 9.70 -28.86
CA ASP B 514 7.50 10.10 -27.57
C ASP B 514 5.96 10.18 -27.52
N PHE B 515 5.31 10.00 -28.67
CA PHE B 515 3.89 10.33 -28.82
C PHE B 515 2.98 9.51 -27.93
N SER B 516 1.99 10.17 -27.35
CA SER B 516 0.90 9.51 -26.63
C SER B 516 -0.42 10.23 -26.86
N PRO B 517 -1.46 9.48 -27.27
CA PRO B 517 -2.81 10.07 -27.33
C PRO B 517 -3.38 10.30 -25.93
N TYR B 518 -2.78 9.71 -24.90
CA TYR B 518 -3.23 9.83 -23.51
C TYR B 518 -2.53 10.97 -22.73
N GLY B 519 -1.43 11.50 -23.28
CA GLY B 519 -0.70 12.64 -22.71
C GLY B 519 0.57 12.30 -21.94
N SER B 520 0.98 11.04 -21.93
CA SER B 520 2.24 10.66 -21.31
C SER B 520 2.62 9.30 -21.81
N LYS B 521 3.87 9.14 -22.21
CA LYS B 521 4.33 7.88 -22.73
C LYS B 521 4.38 6.83 -21.61
N LEU B 522 4.35 7.28 -20.34
CA LEU B 522 4.33 6.38 -19.18
C LEU B 522 3.10 5.49 -19.14
N ILE B 523 2.00 5.99 -19.66
CA ILE B 523 0.74 5.27 -19.55
C ILE B 523 0.36 4.57 -20.85
N ASN B 524 1.18 4.71 -21.90
CA ASN B 524 1.02 3.86 -23.07
C ASN B 524 1.32 2.44 -22.67
N SER B 525 0.75 1.49 -23.41
CA SER B 525 1.02 0.08 -23.23
C SER B 525 2.18 -0.34 -24.14
N TYR B 526 3.11 -1.14 -23.61
CA TYR B 526 4.28 -1.60 -24.36
C TYR B 526 4.21 -3.08 -24.68
N CYS B 527 3.03 -3.66 -24.48
CA CYS B 527 2.74 -5.01 -24.91
C CYS B 527 1.29 -5.01 -25.31
N HIS B 528 1.04 -4.79 -26.60
CA HIS B 528 -0.32 -4.63 -27.10
C HIS B 528 -0.47 -5.56 -28.29
N ALA B 529 -1.38 -6.50 -28.18
CA ALA B 529 -1.47 -7.60 -29.13
C ALA B 529 -2.04 -7.21 -30.50
N TRP B 530 -2.65 -6.03 -30.61
CA TRP B 530 -3.06 -5.54 -31.91
C TRP B 530 -1.84 -5.18 -32.75
N SER B 531 -0.66 -5.23 -32.13
CA SER B 531 0.60 -4.96 -32.84
C SER B 531 1.43 -6.21 -33.17
N CYS B 532 0.88 -7.41 -32.97
CA CYS B 532 1.65 -8.65 -33.15
C CYS B 532 1.31 -9.41 -34.43
N THR B 533 0.69 -8.73 -35.40
CA THR B 533 0.24 -9.39 -36.61
C THR B 533 1.35 -9.84 -37.56
N PRO B 534 2.54 -9.23 -37.49
CA PRO B 534 3.62 -9.78 -38.32
C PRO B 534 3.80 -11.29 -38.22
N ALA B 535 3.55 -11.87 -37.04
CA ALA B 535 3.55 -13.32 -36.90
C ALA B 535 2.57 -13.97 -37.89
N TRP B 536 1.38 -13.38 -38.04
CA TRP B 536 0.39 -13.91 -38.97
C TRP B 536 0.85 -13.75 -40.41
N PHE B 537 1.27 -12.55 -40.78
CA PHE B 537 1.77 -12.29 -42.13
C PHE B 537 2.91 -13.24 -42.49
N ILE B 538 3.86 -13.37 -41.56
CA ILE B 538 5.04 -14.16 -41.83
C ILE B 538 4.67 -15.63 -42.00
N ARG B 539 3.82 -16.14 -41.12
CA ARG B 539 3.44 -17.56 -41.15
C ARG B 539 2.43 -17.89 -42.26
N GLN B 540 1.38 -17.07 -42.39
CA GLN B 540 0.32 -17.33 -43.35
C GLN B 540 0.77 -17.15 -44.79
N TYR B 541 1.63 -16.15 -45.05
CA TYR B 541 2.09 -15.88 -46.42
C TYR B 541 3.49 -16.44 -46.70
N GLY B 542 4.07 -17.13 -45.72
CA GLY B 542 5.37 -17.78 -45.88
C GLY B 542 6.44 -16.80 -46.30
N LEU B 543 6.51 -15.67 -45.62
CA LEU B 543 7.50 -14.63 -45.94
C LEU B 543 8.90 -15.05 -45.51
C1 RAM C . 10.55 5.18 25.00
C2 RAM C . 9.10 5.01 25.44
C3 RAM C . 9.00 3.96 26.53
C4 RAM C . 10.14 4.14 27.52
C5 RAM C . 11.44 3.81 26.81
C6 RAM C . 12.62 4.59 27.32
O1 RAM C . 10.56 5.31 23.63
O2 RAM C . 8.69 6.27 25.96
O3 RAM C . 7.75 4.08 27.22
O4 RAM C . 9.98 3.28 28.62
O5 RAM C . 11.32 4.06 25.39
S SO4 D . 4.45 21.85 56.80
O1 SO4 D . 3.36 22.26 57.70
O2 SO4 D . 4.98 23.10 56.21
O3 SO4 D . 5.42 21.07 57.60
O4 SO4 D . 4.04 20.88 55.76
S SO4 E . 19.04 -16.52 21.12
O1 SO4 E . 17.75 -16.16 21.74
O2 SO4 E . 20.15 -15.82 21.82
O3 SO4 E . 19.19 -18.01 21.20
O4 SO4 E . 19.04 -16.12 19.70
C1 RAM F . -7.67 2.15 -26.41
C2 RAM F . -6.74 0.97 -26.59
C3 RAM F . -7.47 -0.17 -27.28
C4 RAM F . -8.27 0.36 -28.45
C5 RAM F . -9.36 1.28 -27.93
C6 RAM F . -9.60 2.49 -28.80
O1 RAM F . -7.54 2.66 -25.15
O2 RAM F . -5.66 1.41 -27.39
O3 RAM F . -6.51 -1.13 -27.73
O4 RAM F . -8.88 -0.68 -29.20
O5 RAM F . -9.01 1.76 -26.61
S SO4 G . 3.44 -1.28 -60.70
O1 SO4 G . 2.41 -0.42 -60.05
O2 SO4 G . 4.38 -0.44 -61.50
O3 SO4 G . 4.19 -1.95 -59.63
O4 SO4 G . 2.85 -2.29 -61.63
S SO4 H . -27.57 -5.31 -16.97
O1 SO4 H . -28.21 -4.32 -17.86
O2 SO4 H . -26.18 -4.87 -16.67
O3 SO4 H . -27.52 -6.61 -17.68
O4 SO4 H . -28.33 -5.47 -15.70
#